data_9F18
#
_entry.id   9F18
#
_cell.length_a   72.219
_cell.length_b   66.735
_cell.length_c   91.713
_cell.angle_alpha   90.000
_cell.angle_beta   112.087
_cell.angle_gamma   90.000
#
_symmetry.space_group_name_H-M   'P 1 21 1'
#
loop_
_entity.id
_entity.type
_entity.pdbx_description
1 polymer 'Heavy chain rabbit fab'
2 polymer 'Light chain rabbit fab'
3 water water
#
loop_
_entity_poly.entity_id
_entity_poly.type
_entity_poly.pdbx_seq_one_letter_code
_entity_poly.pdbx_strand_id
1 'polypeptide(L)'
;(PCA)SLEESGGDLVKPGASLTLTCTASGFSFSAGYDMCWVRQAPGKGLEWIACIYADGSGSTYYANWAKGRFTISLASS
TTVTLQMTGLTAADTATYFCAREGADGPDYGYAAFSLWGPGTLVTVSSSQPKAPSVFPLAPCCGDTPSSTVTLGCLVKGY
LPEPVTVTWNSGTLTNGVRTFPSVRQSSGLYSLSSVVSVTSSSQPVTCNVAHPATNTKVDKTVAPSTCSKPTCP
;
H,I
2 'polypeptide(L)'
;DVVMTQTPASVEAAVGGTVTIKCQASQSISNYFSWYQQKPGQPPKLLIYKASTLASGVPSRFKGSGSGTEFTLTISDLEC
ADAATYYCQSFYGSVTSDYGGFAFGGGTEVVVKGDPVAPTVLIFPPAADQVATGTVTIVCVANKYFPDVTVTWEVDGTTQ
TTGIENSKTPQNSADCTYNLSSTLTLTSTQYNSHKEYTCKVTQGTTSVVQSFNRGDC
;
L,M
#
# COMPACT_ATOMS: atom_id res chain seq x y z
N SER A 2 -12.56 -4.85 -5.81
CA SER A 2 -11.50 -5.86 -6.00
C SER A 2 -11.77 -6.92 -7.08
N LEU A 3 -10.72 -7.46 -7.71
CA LEU A 3 -10.85 -8.55 -8.67
C LEU A 3 -10.13 -9.80 -8.17
N GLU A 4 -10.52 -10.98 -8.67
CA GLU A 4 -9.81 -12.21 -8.33
C GLU A 4 -10.11 -13.33 -9.33
N GLU A 5 -9.09 -13.70 -10.10
CA GLU A 5 -9.17 -14.74 -11.10
C GLU A 5 -8.84 -16.08 -10.49
N SER A 6 -9.60 -17.10 -10.86
CA SER A 6 -9.37 -18.46 -10.43
C SER A 6 -9.36 -19.34 -11.66
N GLY A 7 -9.06 -20.62 -11.48
CA GLY A 7 -9.29 -21.60 -12.51
C GLY A 7 -8.05 -22.00 -13.29
N GLY A 8 -6.96 -21.27 -13.14
CA GLY A 8 -5.71 -21.65 -13.79
C GLY A 8 -5.28 -23.03 -13.31
N ASP A 9 -4.76 -23.83 -14.23
CA ASP A 9 -4.29 -25.16 -13.89
C ASP A 9 -3.27 -25.63 -14.91
N LEU A 10 -2.66 -26.78 -14.62
CA LEU A 10 -1.91 -27.56 -15.60
C LEU A 10 -2.90 -28.31 -16.52
N VAL A 11 -2.87 -27.98 -17.81
CA VAL A 11 -3.69 -28.65 -18.82
C VAL A 11 -2.77 -29.31 -19.83
N LYS A 12 -3.26 -30.38 -20.46
CA LYS A 12 -2.49 -31.05 -21.51
C LYS A 12 -2.62 -30.29 -22.82
N PRO A 13 -1.67 -30.44 -23.74
CA PRO A 13 -1.74 -29.70 -25.00
C PRO A 13 -2.98 -30.08 -25.77
N GLY A 14 -3.58 -29.10 -26.43
CA GLY A 14 -4.84 -29.30 -27.12
C GLY A 14 -6.05 -29.45 -26.22
N ALA A 15 -5.91 -29.22 -24.92
CA ALA A 15 -7.05 -29.31 -24.02
C ALA A 15 -7.79 -27.97 -24.00
N SER A 16 -8.65 -27.82 -22.99
CA SER A 16 -9.48 -26.62 -22.86
C SER A 16 -9.65 -26.32 -21.38
N LEU A 17 -9.73 -25.04 -21.07
CA LEU A 17 -9.68 -24.54 -19.71
C LEU A 17 -10.60 -23.33 -19.58
N THR A 18 -11.24 -23.18 -18.43
CA THR A 18 -12.13 -22.06 -18.19
C THR A 18 -11.63 -21.27 -16.99
N LEU A 19 -11.31 -20.00 -17.21
CA LEU A 19 -10.93 -19.08 -16.15
C LEU A 19 -12.16 -18.25 -15.72
N THR A 20 -12.09 -17.70 -14.52
CA THR A 20 -13.19 -16.91 -13.98
C THR A 20 -12.66 -15.70 -13.23
N CYS A 21 -13.19 -14.54 -13.54
CA CYS A 21 -12.91 -13.32 -12.78
C CYS A 21 -14.06 -13.06 -11.82
N THR A 22 -13.76 -12.76 -10.56
CA THR A 22 -14.82 -12.47 -9.59
C THR A 22 -14.59 -11.12 -8.94
N ALA A 23 -15.64 -10.30 -8.96
CA ALA A 23 -15.57 -8.95 -8.45
C ALA A 23 -16.02 -8.90 -6.99
N SER A 24 -15.39 -8.02 -6.21
CA SER A 24 -15.76 -7.80 -4.81
C SER A 24 -15.79 -6.32 -4.50
N GLY A 25 -16.71 -5.91 -3.65
CA GLY A 25 -16.89 -4.51 -3.34
C GLY A 25 -17.61 -3.71 -4.41
N PHE A 26 -17.87 -4.31 -5.57
CA PHE A 26 -18.74 -3.69 -6.55
C PHE A 26 -19.45 -4.78 -7.34
N SER A 27 -20.40 -4.36 -8.16
CA SER A 27 -21.08 -5.23 -9.09
C SER A 27 -21.08 -4.56 -10.47
N PHE A 28 -21.38 -5.38 -11.48
CA PHE A 28 -21.33 -4.92 -12.86
C PHE A 28 -22.49 -4.00 -13.20
N SER A 29 -22.21 -3.06 -14.10
CA SER A 29 -23.20 -2.08 -14.52
C SER A 29 -22.74 -1.48 -15.85
N ALA A 30 -23.43 -0.43 -16.29
CA ALA A 30 -23.06 0.27 -17.50
C ALA A 30 -21.87 1.19 -17.21
N GLY A 31 -21.05 1.39 -18.23
CA GLY A 31 -20.01 2.41 -18.19
C GLY A 31 -18.60 1.92 -18.41
N TYR A 32 -18.37 0.61 -18.41
CA TYR A 32 -17.01 0.09 -18.48
C TYR A 32 -17.02 -1.36 -18.93
N ASP A 33 -15.89 -1.80 -19.47
CA ASP A 33 -15.71 -3.17 -19.89
C ASP A 33 -14.94 -3.96 -18.85
N MET A 34 -15.12 -5.27 -18.89
CA MET A 34 -14.27 -6.20 -18.16
C MET A 34 -13.46 -6.96 -19.20
N CYS A 35 -12.16 -7.15 -18.93
CA CYS A 35 -11.21 -7.62 -19.92
C CYS A 35 -10.23 -8.61 -19.34
N TRP A 36 -9.62 -9.42 -20.22
CA TRP A 36 -8.56 -10.38 -19.88
C TRP A 36 -7.27 -10.02 -20.61
N VAL A 37 -6.15 -9.98 -19.88
CA VAL A 37 -4.82 -9.73 -20.44
C VAL A 37 -3.86 -10.78 -19.89
N ARG A 38 -3.15 -11.47 -20.77
CA ARG A 38 -2.20 -12.49 -20.33
C ARG A 38 -0.77 -11.98 -20.42
N GLN A 39 0.12 -12.75 -19.79
CA GLN A 39 1.53 -12.40 -19.75
C GLN A 39 2.34 -13.69 -19.62
N ALA A 40 3.04 -14.06 -20.69
CA ALA A 40 3.91 -15.22 -20.68
C ALA A 40 5.08 -14.99 -19.72
N PRO A 41 5.62 -16.06 -19.16
CA PRO A 41 6.71 -15.92 -18.20
C PRO A 41 7.91 -15.15 -18.74
N GLY A 42 8.14 -13.94 -18.22
CA GLY A 42 9.25 -13.13 -18.72
C GLY A 42 8.97 -12.40 -20.01
N LYS A 43 7.71 -12.27 -20.40
CA LYS A 43 7.31 -11.59 -21.62
C LYS A 43 6.43 -10.39 -21.25
N GLY A 44 5.97 -9.68 -22.28
CA GLY A 44 5.19 -8.47 -22.07
C GLY A 44 3.72 -8.77 -21.86
N LEU A 45 2.89 -7.74 -22.01
CA LEU A 45 1.46 -7.86 -21.75
C LEU A 45 0.73 -8.01 -23.06
N GLU A 46 -0.18 -8.98 -23.12
CA GLU A 46 -0.86 -9.30 -24.36
C GLU A 46 -2.36 -9.27 -24.10
N TRP A 47 -3.08 -8.44 -24.84
CA TRP A 47 -4.52 -8.33 -24.64
C TRP A 47 -5.25 -9.46 -25.34
N ILE A 48 -6.32 -9.95 -24.68
CA ILE A 48 -7.08 -11.11 -25.16
C ILE A 48 -8.47 -10.70 -25.68
N ALA A 49 -9.32 -10.12 -24.82
CA ALA A 49 -10.66 -9.69 -25.22
C ALA A 49 -11.28 -8.77 -24.18
N CYS A 50 -12.44 -8.22 -24.51
CA CYS A 50 -13.23 -7.45 -23.55
C CYS A 50 -14.71 -7.73 -23.72
N ILE A 51 -15.47 -7.36 -22.69
CA ILE A 51 -16.93 -7.43 -22.73
C ILE A 51 -17.48 -6.27 -21.92
N TYR A 52 -18.48 -5.59 -22.47
CA TYR A 52 -19.11 -4.49 -21.76
C TYR A 52 -19.97 -5.04 -20.63
N ALA A 53 -19.67 -4.63 -19.39
CA ALA A 53 -20.13 -5.36 -18.22
C ALA A 53 -21.66 -5.43 -18.08
N ASP A 54 -22.42 -4.56 -18.77
CA ASP A 54 -23.88 -4.68 -18.76
C ASP A 54 -24.40 -5.53 -19.92
N GLY A 55 -23.51 -6.09 -20.73
CA GLY A 55 -23.83 -7.07 -21.76
C GLY A 55 -24.31 -6.52 -23.08
N SER A 56 -25.26 -5.56 -23.03
CA SER A 56 -25.80 -4.93 -24.24
C SER A 56 -24.69 -4.48 -25.20
N GLY A 57 -23.62 -3.90 -24.67
CA GLY A 57 -22.49 -3.52 -25.49
C GLY A 57 -21.79 -4.71 -26.12
N SER A 58 -20.64 -4.40 -26.73
CA SER A 58 -20.00 -5.31 -27.64
C SER A 58 -19.12 -6.31 -26.90
N THR A 59 -18.29 -7.01 -27.65
CA THR A 59 -17.44 -8.08 -27.14
C THR A 59 -16.33 -8.22 -28.20
N TYR A 60 -15.22 -7.53 -27.97
CA TYR A 60 -14.15 -7.46 -28.98
C TYR A 60 -12.94 -8.27 -28.57
N TYR A 61 -12.42 -9.04 -29.52
CA TYR A 61 -11.28 -9.93 -29.33
C TYR A 61 -10.06 -9.45 -30.10
N ALA A 62 -8.88 -9.69 -29.53
CA ALA A 62 -7.65 -9.61 -30.30
C ALA A 62 -7.75 -10.55 -31.49
N ASN A 63 -7.29 -10.10 -32.66
CA ASN A 63 -7.38 -10.91 -33.87
C ASN A 63 -6.86 -12.33 -33.66
N TRP A 64 -5.75 -12.48 -32.93
CA TRP A 64 -5.14 -13.79 -32.72
C TRP A 64 -5.98 -14.71 -31.83
N ALA A 65 -6.93 -14.19 -31.06
CA ALA A 65 -7.72 -14.99 -30.13
C ALA A 65 -9.10 -15.35 -30.65
N LYS A 66 -9.63 -14.59 -31.60
CA LYS A 66 -10.94 -14.89 -32.19
C LYS A 66 -11.00 -16.35 -32.62
N GLY A 67 -12.02 -17.06 -32.15
CA GLY A 67 -12.17 -18.44 -32.60
C GLY A 67 -11.81 -19.43 -31.52
N ARG A 68 -10.64 -19.28 -30.89
CA ARG A 68 -10.28 -20.17 -29.79
C ARG A 68 -10.89 -19.70 -28.48
N PHE A 69 -10.57 -18.48 -28.07
CA PHE A 69 -11.01 -17.94 -26.79
C PHE A 69 -12.43 -17.43 -26.89
N THR A 70 -13.15 -17.43 -25.77
CA THR A 70 -14.48 -16.86 -25.72
C THR A 70 -14.68 -16.18 -24.38
N ILE A 71 -15.37 -15.03 -24.36
CA ILE A 71 -15.55 -14.28 -23.13
C ILE A 71 -17.03 -14.11 -22.87
N SER A 72 -17.41 -14.27 -21.60
CA SER A 72 -18.81 -14.32 -21.21
C SER A 72 -19.00 -13.67 -19.84
N LEU A 73 -20.20 -13.15 -19.63
CA LEU A 73 -20.63 -12.79 -18.29
C LEU A 73 -21.38 -14.00 -17.70
N ALA A 74 -20.89 -14.52 -16.60
CA ALA A 74 -21.55 -15.62 -15.92
C ALA A 74 -22.46 -15.14 -14.81
N SER A 75 -22.35 -13.88 -14.39
CA SER A 75 -23.22 -13.28 -13.37
C SER A 75 -22.89 -11.79 -13.27
N SER A 76 -23.56 -11.12 -12.33
CA SER A 76 -23.35 -9.71 -11.99
C SER A 76 -22.02 -9.45 -11.31
N THR A 77 -21.23 -10.51 -11.08
CA THR A 77 -19.99 -10.40 -10.34
C THR A 77 -18.92 -11.34 -10.85
N THR A 78 -19.21 -12.17 -11.86
CA THR A 78 -18.22 -13.07 -12.45
C THR A 78 -18.23 -12.93 -13.97
N VAL A 79 -17.02 -12.90 -14.55
CA VAL A 79 -16.77 -12.90 -15.98
C VAL A 79 -15.86 -14.09 -16.29
N THR A 80 -16.12 -14.78 -17.40
CA THR A 80 -15.39 -15.98 -17.69
C THR A 80 -14.64 -15.85 -19.02
N LEU A 81 -13.61 -16.69 -19.16
CA LEU A 81 -12.85 -16.85 -20.40
C LEU A 81 -12.77 -18.35 -20.73
N GLN A 82 -13.43 -18.77 -21.82
CA GLN A 82 -13.29 -20.14 -22.33
C GLN A 82 -12.10 -20.19 -23.26
N MET A 83 -11.21 -21.13 -23.04
CA MET A 83 -10.02 -21.32 -23.86
C MET A 83 -10.03 -22.72 -24.44
N THR A 84 -9.92 -22.83 -25.74
CA THR A 84 -9.89 -24.12 -26.40
C THR A 84 -8.57 -24.28 -27.15
N GLY A 85 -8.24 -25.53 -27.46
CA GLY A 85 -7.04 -25.85 -28.22
C GLY A 85 -5.79 -25.20 -27.67
N LEU A 86 -5.49 -25.47 -26.40
CA LEU A 86 -4.38 -24.78 -25.74
C LEU A 86 -3.05 -25.33 -26.24
N THR A 87 -2.21 -24.46 -26.79
CA THR A 87 -0.84 -24.80 -27.07
C THR A 87 0.00 -24.42 -25.86
N ALA A 88 1.31 -24.50 -26.01
CA ALA A 88 2.16 -24.02 -24.95
C ALA A 88 2.43 -22.53 -25.06
N ALA A 89 2.15 -21.92 -26.22
CA ALA A 89 2.16 -20.47 -26.28
C ALA A 89 1.17 -19.87 -25.30
N ASP A 90 0.08 -20.57 -25.04
CA ASP A 90 -0.93 -20.10 -24.11
C ASP A 90 -0.50 -20.23 -22.65
N THR A 91 0.67 -20.79 -22.38
CA THR A 91 1.16 -20.82 -21.01
C THR A 91 1.48 -19.40 -20.60
N ALA A 92 0.79 -18.92 -19.59
CA ALA A 92 1.00 -17.55 -19.15
C ALA A 92 0.29 -17.37 -17.83
N THR A 93 0.60 -16.24 -17.18
CA THR A 93 -0.28 -15.73 -16.15
C THR A 93 -1.39 -14.96 -16.84
N TYR A 94 -2.65 -15.27 -16.49
CA TYR A 94 -3.83 -14.67 -17.11
C TYR A 94 -4.45 -13.70 -16.12
N PHE A 95 -4.39 -12.41 -16.45
CA PHE A 95 -4.87 -11.31 -15.60
C PHE A 95 -6.28 -10.93 -15.98
N CYS A 96 -6.97 -10.32 -15.02
CA CYS A 96 -8.31 -9.80 -15.26
C CYS A 96 -8.35 -8.34 -14.79
N ALA A 97 -8.95 -7.46 -15.58
CA ALA A 97 -8.89 -6.04 -15.26
C ALA A 97 -10.18 -5.31 -15.61
N ARG A 98 -10.39 -4.22 -14.89
CA ARG A 98 -11.52 -3.32 -15.09
C ARG A 98 -11.06 -2.11 -15.88
N GLU A 99 -11.73 -1.84 -17.00
CA GLU A 99 -11.55 -0.57 -17.67
C GLU A 99 -11.97 0.55 -16.72
N GLY A 100 -11.10 1.54 -16.58
CA GLY A 100 -11.45 2.68 -15.77
C GLY A 100 -12.29 3.65 -16.55
N ALA A 101 -12.96 4.54 -15.82
CA ALA A 101 -13.68 5.63 -16.44
C ALA A 101 -13.50 6.88 -15.59
N ASP A 102 -13.44 8.05 -16.24
CA ASP A 102 -13.41 9.31 -15.53
C ASP A 102 -14.78 9.98 -15.49
N GLY A 103 -15.80 9.32 -16.03
CA GLY A 103 -17.16 9.82 -16.03
C GLY A 103 -18.15 8.69 -16.19
N PRO A 104 -19.44 8.99 -16.03
CA PRO A 104 -20.44 7.90 -15.97
C PRO A 104 -20.80 7.26 -17.31
N ASP A 105 -20.49 7.88 -18.45
CA ASP A 105 -21.04 7.41 -19.72
C ASP A 105 -20.27 6.21 -20.28
N TYR A 106 -18.95 6.32 -20.40
CA TYR A 106 -18.15 5.25 -21.01
C TYR A 106 -16.74 5.27 -20.42
N GLY A 107 -15.98 4.22 -20.72
CA GLY A 107 -14.63 4.13 -20.25
C GLY A 107 -13.69 5.18 -20.85
N TYR A 108 -12.44 5.11 -20.38
CA TYR A 108 -11.31 5.84 -20.97
C TYR A 108 -10.25 4.87 -21.48
N ALA A 109 -10.68 3.64 -21.77
CA ALA A 109 -9.90 2.63 -22.50
C ALA A 109 -8.55 2.34 -21.84
N ALA A 110 -8.45 2.57 -20.53
CA ALA A 110 -7.33 2.09 -19.73
C ALA A 110 -7.87 1.25 -18.58
N PHE A 111 -7.04 0.32 -18.12
CA PHE A 111 -7.42 -0.62 -17.06
C PHE A 111 -6.88 -0.12 -15.72
N SER A 112 -7.78 0.37 -14.87
CA SER A 112 -7.37 0.89 -13.57
C SER A 112 -7.24 -0.22 -12.53
N LEU A 113 -8.27 -1.07 -12.39
CA LEU A 113 -8.34 -2.09 -11.36
C LEU A 113 -7.98 -3.47 -11.92
N TRP A 114 -7.01 -4.14 -11.28
CA TRP A 114 -6.46 -5.41 -11.77
C TRP A 114 -6.50 -6.48 -10.69
N GLY A 115 -6.84 -7.70 -11.08
CA GLY A 115 -6.65 -8.84 -10.21
C GLY A 115 -5.19 -9.23 -10.13
N PRO A 116 -4.91 -10.22 -9.28
CA PRO A 116 -3.53 -10.70 -9.11
C PRO A 116 -3.06 -11.72 -10.14
N GLY A 117 -3.93 -12.31 -10.90
CA GLY A 117 -3.46 -13.30 -11.85
C GLY A 117 -3.80 -14.71 -11.42
N THR A 118 -4.12 -15.53 -12.42
CA THR A 118 -4.25 -16.98 -12.30
C THR A 118 -3.36 -17.56 -13.39
N LEU A 119 -2.66 -18.66 -13.11
CA LEU A 119 -1.54 -19.08 -13.94
C LEU A 119 -1.89 -20.36 -14.66
N VAL A 120 -1.96 -20.29 -15.99
CA VAL A 120 -2.20 -21.44 -16.86
C VAL A 120 -0.85 -22.00 -17.30
N THR A 121 -0.62 -23.28 -17.05
CA THR A 121 0.60 -23.96 -17.47
C THR A 121 0.16 -25.11 -18.39
N VAL A 122 0.50 -25.01 -19.68
CA VAL A 122 0.09 -26.01 -20.66
C VAL A 122 1.28 -26.93 -20.90
N SER A 123 1.16 -28.20 -20.50
CA SER A 123 2.29 -29.11 -20.47
C SER A 123 1.81 -30.57 -20.57
N SER A 124 2.64 -31.37 -21.23
CA SER A 124 2.44 -32.80 -21.41
C SER A 124 2.71 -33.60 -20.14
N SER A 125 2.91 -32.95 -19.01
CA SER A 125 3.34 -33.66 -17.80
C SER A 125 2.20 -33.76 -16.80
N GLN A 126 2.45 -34.51 -15.75
CA GLN A 126 1.58 -34.63 -14.59
C GLN A 126 2.06 -33.71 -13.48
N PRO A 127 1.18 -33.25 -12.59
CA PRO A 127 1.66 -32.39 -11.51
C PRO A 127 2.65 -33.15 -10.64
N LYS A 128 3.84 -32.59 -10.44
CA LYS A 128 4.79 -33.12 -9.46
C LYS A 128 4.83 -32.18 -8.26
N ALA A 129 4.91 -32.76 -7.07
CA ALA A 129 4.98 -32.03 -5.81
C ALA A 129 6.45 -31.79 -5.45
N PRO A 130 6.80 -30.63 -4.91
CA PRO A 130 8.20 -30.31 -4.69
C PRO A 130 8.76 -31.12 -3.56
N SER A 131 10.08 -31.19 -3.52
CA SER A 131 10.80 -31.68 -2.36
C SER A 131 11.50 -30.48 -1.73
N VAL A 132 11.56 -30.46 -0.39
CA VAL A 132 12.01 -29.29 0.35
C VAL A 132 13.21 -29.67 1.22
N PHE A 133 14.31 -28.93 1.07
CA PHE A 133 15.51 -29.20 1.83
C PHE A 133 15.95 -27.94 2.57
N PRO A 134 16.32 -28.03 3.85
CA PRO A 134 16.80 -26.84 4.55
C PRO A 134 18.09 -26.35 3.91
N LEU A 135 18.27 -25.03 3.94
CA LEU A 135 19.50 -24.40 3.47
C LEU A 135 20.19 -23.78 4.69
N ALA A 136 21.40 -24.24 4.98
CA ALA A 136 22.03 -23.84 6.22
C ALA A 136 23.53 -23.90 6.04
N PRO A 137 24.27 -22.99 6.67
CA PRO A 137 25.71 -22.89 6.41
C PRO A 137 26.47 -24.12 6.87
N CYS A 138 27.71 -24.21 6.36
CA CYS A 138 28.57 -25.33 6.67
C CYS A 138 28.75 -25.47 8.18
N CYS A 139 28.65 -26.71 8.66
CA CYS A 139 28.94 -26.97 10.06
C CYS A 139 30.30 -26.39 10.44
N GLY A 140 31.28 -26.52 9.56
CA GLY A 140 32.63 -26.08 9.88
C GLY A 140 32.84 -24.58 9.82
N ASP A 141 31.82 -23.80 9.48
CA ASP A 141 31.97 -22.34 9.50
C ASP A 141 31.76 -21.85 10.92
N THR A 142 32.74 -21.13 11.43
CA THR A 142 32.63 -20.59 12.78
C THR A 142 31.43 -19.65 12.85
N PRO A 143 30.52 -19.81 13.83
CA PRO A 143 29.25 -19.08 13.75
C PRO A 143 29.44 -17.59 13.95
N SER A 144 28.35 -16.84 13.82
CA SER A 144 28.36 -15.40 13.86
C SER A 144 27.10 -14.95 14.61
N SER A 145 26.96 -13.63 14.80
CA SER A 145 25.84 -13.14 15.60
C SER A 145 24.52 -13.25 14.85
N THR A 146 24.55 -13.09 13.52
CA THR A 146 23.39 -13.48 12.73
C THR A 146 23.78 -14.63 11.82
N VAL A 147 22.75 -15.19 11.17
CA VAL A 147 22.93 -16.31 10.25
C VAL A 147 21.83 -16.20 9.19
N THR A 148 22.15 -16.63 7.97
CA THR A 148 21.16 -16.69 6.90
C THR A 148 20.83 -18.16 6.65
N LEU A 149 19.59 -18.51 6.98
CA LEU A 149 19.00 -19.82 6.73
C LEU A 149 17.97 -19.69 5.62
N GLY A 150 17.52 -20.83 5.11
CA GLY A 150 16.59 -20.81 4.00
C GLY A 150 16.15 -22.22 3.64
N CYS A 151 15.33 -22.28 2.59
CA CYS A 151 14.67 -23.49 2.11
C CYS A 151 14.79 -23.60 0.61
N LEU A 152 15.07 -24.80 0.12
CA LEU A 152 15.15 -25.12 -1.30
C LEU A 152 13.94 -25.96 -1.66
N VAL A 153 13.09 -25.43 -2.53
CA VAL A 153 11.86 -26.09 -3.00
C VAL A 153 12.13 -26.59 -4.41
N LYS A 154 12.31 -27.89 -4.57
CA LYS A 154 12.95 -28.43 -5.76
C LYS A 154 12.03 -29.39 -6.49
N GLY A 155 11.80 -29.12 -7.79
CA GLY A 155 11.18 -30.09 -8.67
C GLY A 155 9.67 -30.15 -8.62
N TYR A 156 9.01 -29.01 -8.77
CA TYR A 156 7.56 -28.95 -8.74
C TYR A 156 7.03 -28.55 -10.10
N LEU A 157 5.77 -28.89 -10.33
CA LEU A 157 5.09 -28.49 -11.54
C LEU A 157 3.60 -28.74 -11.32
N PRO A 158 2.72 -27.77 -11.62
CA PRO A 158 2.97 -26.42 -12.16
C PRO A 158 3.35 -25.42 -11.10
N GLU A 159 3.45 -24.16 -11.48
CA GLU A 159 3.55 -23.06 -10.54
C GLU A 159 2.18 -22.75 -9.97
N PRO A 160 2.10 -21.94 -8.88
CA PRO A 160 3.17 -21.38 -8.04
C PRO A 160 3.41 -22.26 -6.85
N VAL A 161 4.49 -22.04 -6.10
CA VAL A 161 4.55 -22.46 -4.71
C VAL A 161 4.57 -21.20 -3.86
N THR A 162 4.06 -21.31 -2.64
CA THR A 162 4.18 -20.22 -1.67
C THR A 162 5.19 -20.60 -0.60
N VAL A 163 6.07 -19.67 -0.27
CA VAL A 163 6.99 -19.85 0.84
C VAL A 163 6.69 -18.78 1.88
N THR A 164 6.31 -19.20 3.08
CA THR A 164 6.14 -18.34 4.24
C THR A 164 7.07 -18.83 5.34
N TRP A 165 7.43 -17.94 6.27
CA TRP A 165 8.44 -18.24 7.26
C TRP A 165 7.87 -18.11 8.66
N ASN A 166 8.04 -19.17 9.46
CA ASN A 166 7.44 -19.28 10.80
C ASN A 166 5.99 -18.84 10.75
N SER A 167 5.28 -19.38 9.76
CA SER A 167 3.85 -19.17 9.56
C SER A 167 3.47 -17.69 9.36
N GLY A 168 4.34 -16.90 8.74
CA GLY A 168 4.03 -15.51 8.46
C GLY A 168 4.30 -14.52 9.58
N THR A 169 4.74 -14.97 10.76
CA THR A 169 5.19 -13.99 11.73
C THR A 169 6.57 -13.43 11.41
N LEU A 170 7.22 -13.90 10.34
CA LEU A 170 8.57 -13.46 10.00
C LEU A 170 8.64 -13.02 8.55
N THR A 171 9.05 -11.77 8.35
CA THR A 171 9.17 -11.16 7.04
C THR A 171 10.36 -10.21 6.89
N ASN A 172 10.97 -9.73 7.98
CA ASN A 172 12.08 -8.80 7.84
C ASN A 172 13.28 -9.51 7.22
N GLY A 173 13.86 -8.88 6.21
CA GLY A 173 15.03 -9.46 5.57
C GLY A 173 14.79 -10.86 5.05
N VAL A 174 13.60 -11.13 4.53
CA VAL A 174 13.30 -12.38 3.84
C VAL A 174 13.46 -12.14 2.34
N ARG A 175 14.27 -12.96 1.70
CA ARG A 175 14.41 -12.95 0.26
C ARG A 175 13.90 -14.27 -0.29
N THR A 176 12.89 -14.21 -1.16
CA THR A 176 12.38 -15.38 -1.84
C THR A 176 12.65 -15.23 -3.33
N PHE A 177 13.28 -16.20 -3.89
CA PHE A 177 13.75 -15.83 -5.19
C PHE A 177 12.76 -16.24 -6.26
N PRO A 178 12.76 -15.54 -7.39
CA PRO A 178 12.02 -16.02 -8.55
C PRO A 178 12.31 -17.49 -8.80
N SER A 179 11.30 -18.18 -9.34
CA SER A 179 11.43 -19.57 -9.70
C SER A 179 12.14 -19.69 -11.03
N VAL A 180 13.00 -20.70 -11.15
CA VAL A 180 13.60 -21.09 -12.43
C VAL A 180 13.03 -22.44 -12.88
N ARG A 181 12.90 -22.60 -14.19
CA ARG A 181 12.38 -23.83 -14.78
C ARG A 181 13.55 -24.59 -15.39
N GLN A 182 13.91 -25.73 -14.80
CA GLN A 182 15.03 -26.52 -15.29
C GLN A 182 14.67 -27.16 -16.62
N SER A 183 15.66 -27.78 -17.25
CA SER A 183 15.40 -28.39 -18.54
C SER A 183 14.28 -29.43 -18.45
N SER A 184 14.07 -30.02 -17.28
CA SER A 184 13.08 -31.09 -17.12
C SER A 184 11.65 -30.59 -17.29
N GLY A 185 11.43 -29.27 -17.23
CA GLY A 185 10.12 -28.71 -17.10
C GLY A 185 9.69 -28.51 -15.67
N LEU A 186 10.50 -28.94 -14.70
CA LEU A 186 10.18 -28.83 -13.29
C LEU A 186 10.79 -27.55 -12.73
N TYR A 187 9.99 -26.76 -12.00
CA TYR A 187 10.46 -25.51 -11.44
C TYR A 187 11.14 -25.74 -10.11
N SER A 188 12.10 -24.86 -9.79
CA SER A 188 12.72 -24.80 -8.47
C SER A 188 12.79 -23.36 -7.99
N LEU A 189 12.88 -23.18 -6.68
CA LEU A 189 13.14 -21.87 -6.11
C LEU A 189 13.64 -22.04 -4.70
N SER A 190 14.50 -21.11 -4.28
CA SER A 190 15.03 -21.02 -2.94
C SER A 190 14.46 -19.79 -2.27
N SER A 191 14.45 -19.80 -0.94
CA SER A 191 14.05 -18.61 -0.20
C SER A 191 14.80 -18.59 1.11
N VAL A 192 15.46 -17.46 1.41
CA VAL A 192 16.29 -17.30 2.60
C VAL A 192 15.72 -16.21 3.49
N VAL A 193 16.23 -16.13 4.71
CA VAL A 193 15.82 -15.15 5.72
C VAL A 193 17.04 -14.91 6.59
N SER A 194 17.16 -13.72 7.19
CA SER A 194 18.33 -13.42 8.03
C SER A 194 17.89 -13.03 9.42
N VAL A 195 18.32 -13.82 10.41
CA VAL A 195 17.84 -13.74 11.78
C VAL A 195 19.04 -13.58 12.71
N THR A 196 18.78 -13.10 13.91
CA THR A 196 19.84 -13.14 14.89
C THR A 196 19.92 -14.54 15.47
N SER A 197 21.11 -14.90 15.93
CA SER A 197 21.39 -16.26 16.35
C SER A 197 20.89 -16.43 17.78
N SER A 198 19.58 -16.47 17.90
CA SER A 198 18.94 -16.77 19.16
C SER A 198 19.13 -18.23 19.57
N SER A 199 19.64 -19.06 18.63
CA SER A 199 19.64 -20.52 18.69
C SER A 199 18.24 -21.06 18.44
N GLN A 200 17.24 -20.18 18.44
CA GLN A 200 15.87 -20.58 18.19
C GLN A 200 15.71 -20.98 16.74
N PRO A 201 15.14 -22.14 16.45
CA PRO A 201 15.07 -22.59 15.07
C PRO A 201 14.01 -21.81 14.31
N VAL A 202 14.22 -21.73 13.02
CA VAL A 202 13.23 -21.15 12.15
C VAL A 202 12.61 -22.27 11.33
N THR A 203 11.45 -22.01 10.77
CA THR A 203 10.71 -23.02 10.04
C THR A 203 10.10 -22.40 8.80
N CYS A 204 10.25 -23.07 7.67
CA CYS A 204 9.68 -22.59 6.43
C CYS A 204 8.43 -23.39 6.09
N ASN A 205 7.44 -22.72 5.55
CA ASN A 205 6.14 -23.30 5.27
C ASN A 205 5.97 -23.27 3.75
N VAL A 206 6.16 -24.41 3.10
CA VAL A 206 6.02 -24.49 1.65
C VAL A 206 4.66 -25.07 1.31
N ALA A 207 4.01 -24.51 0.29
CA ALA A 207 2.72 -24.98 -0.21
C ALA A 207 2.74 -25.03 -1.73
N HIS A 208 2.22 -26.12 -2.29
CA HIS A 208 2.11 -26.28 -3.72
C HIS A 208 0.64 -26.58 -3.96
N PRO A 209 -0.21 -25.56 -4.17
CA PRO A 209 -1.67 -25.81 -4.33
C PRO A 209 -2.01 -26.90 -5.32
N ALA A 210 -1.25 -27.05 -6.40
CA ALA A 210 -1.59 -27.98 -7.47
C ALA A 210 -1.44 -29.45 -7.08
N THR A 211 -0.81 -29.77 -5.95
CA THR A 211 -0.75 -31.14 -5.48
C THR A 211 -1.32 -31.26 -4.07
N ASN A 212 -1.97 -30.20 -3.56
CA ASN A 212 -2.36 -30.11 -2.16
C ASN A 212 -1.20 -30.52 -1.24
N THR A 213 -0.03 -29.98 -1.52
CA THR A 213 1.15 -30.24 -0.73
C THR A 213 1.36 -29.09 0.24
N LYS A 214 1.43 -29.38 1.53
CA LYS A 214 1.95 -28.46 2.53
C LYS A 214 2.99 -29.22 3.36
N VAL A 215 4.23 -28.74 3.35
CA VAL A 215 5.33 -29.34 4.11
C VAL A 215 6.05 -28.23 4.90
N ASP A 216 6.43 -28.54 6.14
CA ASP A 216 7.03 -27.60 7.09
C ASP A 216 8.40 -28.07 7.52
N LYS A 217 9.43 -27.37 7.05
CA LYS A 217 10.82 -27.76 7.29
C LYS A 217 11.42 -26.81 8.30
N THR A 218 11.96 -27.36 9.37
CA THR A 218 12.72 -26.57 10.35
C THR A 218 14.18 -26.56 9.94
N VAL A 219 14.78 -25.38 9.93
CA VAL A 219 16.16 -25.23 9.50
C VAL A 219 17.00 -24.90 10.73
N ALA A 220 17.65 -25.92 11.31
CA ALA A 220 18.66 -25.66 12.32
C ALA A 220 19.83 -24.90 11.67
N PRO A 221 20.58 -24.13 12.43
CA PRO A 221 21.74 -23.43 11.83
C PRO A 221 22.87 -24.36 11.37
N SER A 222 22.55 -25.60 10.96
CA SER A 222 23.46 -26.72 10.63
C SER A 222 24.85 -26.72 11.23
N THR A 223 24.94 -26.87 12.55
CA THR A 223 26.23 -27.11 13.20
C THR A 223 26.38 -28.60 13.50
N CYS A 224 26.38 -29.36 12.40
CA CYS A 224 26.42 -30.81 12.37
C CYS A 224 25.19 -31.37 13.04
N SER B 2 -3.88 -9.50 7.78
CA SER B 2 -4.75 -8.32 7.85
C SER B 2 -5.65 -8.29 9.11
N LEU B 3 -6.05 -7.09 9.57
CA LEU B 3 -6.94 -6.91 10.72
C LEU B 3 -8.04 -5.92 10.37
N GLU B 4 -9.21 -6.08 10.99
CA GLU B 4 -10.29 -5.11 10.80
C GLU B 4 -11.25 -5.06 11.99
N GLU B 5 -11.52 -3.85 12.47
CA GLU B 5 -12.35 -3.63 13.64
C GLU B 5 -13.77 -3.21 13.24
N SER B 6 -14.73 -3.60 14.07
CA SER B 6 -16.14 -3.38 13.79
C SER B 6 -16.87 -3.17 15.10
N GLY B 7 -18.12 -2.71 15.01
CA GLY B 7 -18.95 -2.51 16.17
C GLY B 7 -19.01 -1.09 16.69
N GLY B 8 -18.37 -0.14 16.02
CA GLY B 8 -18.41 1.25 16.47
C GLY B 8 -19.77 1.87 16.20
N ASP B 9 -20.30 2.60 17.18
CA ASP B 9 -21.64 3.15 17.06
C ASP B 9 -21.80 4.38 17.94
N LEU B 10 -22.93 5.08 17.75
CA LEU B 10 -23.33 6.11 18.67
C LEU B 10 -24.08 5.44 19.83
N VAL B 11 -23.50 5.48 21.02
CA VAL B 11 -24.08 4.85 22.20
C VAL B 11 -24.28 5.91 23.30
N LYS B 12 -25.37 5.76 24.05
CA LYS B 12 -25.68 6.70 25.12
C LYS B 12 -24.74 6.46 26.30
N PRO B 13 -24.52 7.49 27.11
CA PRO B 13 -23.65 7.31 28.29
C PRO B 13 -24.20 6.26 29.27
N GLY B 14 -23.28 5.50 29.86
CA GLY B 14 -23.62 4.43 30.79
C GLY B 14 -23.96 3.09 30.16
N ALA B 15 -23.87 2.98 28.83
CA ALA B 15 -24.27 1.82 28.06
C ALA B 15 -23.10 0.88 27.83
N SER B 16 -23.35 -0.20 27.07
CA SER B 16 -22.41 -1.30 26.89
C SER B 16 -22.29 -1.64 25.40
N LEU B 17 -21.10 -1.47 24.87
CA LEU B 17 -20.83 -1.67 23.46
C LEU B 17 -19.80 -2.78 23.29
N THR B 18 -19.91 -3.54 22.20
CA THR B 18 -19.00 -4.67 21.99
C THR B 18 -18.38 -4.59 20.60
N LEU B 19 -17.08 -4.30 20.55
CA LEU B 19 -16.33 -4.16 19.33
C LEU B 19 -15.72 -5.50 18.91
N THR B 20 -15.41 -5.62 17.62
CA THR B 20 -15.08 -6.92 17.00
C THR B 20 -13.94 -6.77 16.00
N CYS B 21 -12.85 -7.49 16.25
CA CYS B 21 -11.62 -7.42 15.45
C CYS B 21 -11.47 -8.71 14.65
N THR B 22 -11.67 -8.64 13.33
CA THR B 22 -11.67 -9.83 12.46
C THR B 22 -10.37 -9.96 11.69
N ALA B 23 -9.72 -11.12 11.81
CA ALA B 23 -8.44 -11.37 11.17
C ALA B 23 -8.64 -11.91 9.77
N SER B 24 -7.84 -11.40 8.82
CA SER B 24 -7.88 -11.86 7.44
C SER B 24 -6.46 -12.10 6.93
N GLY B 25 -6.32 -13.17 6.14
CA GLY B 25 -5.03 -13.63 5.67
C GLY B 25 -4.31 -14.58 6.61
N PHE B 26 -4.62 -14.52 7.90
CA PHE B 26 -4.00 -15.38 8.90
C PHE B 26 -5.06 -15.82 9.89
N SER B 27 -4.67 -16.70 10.79
CA SER B 27 -5.53 -17.24 11.84
C SER B 27 -4.83 -17.05 13.18
N PHE B 28 -5.63 -17.11 14.26
CA PHE B 28 -5.09 -16.89 15.60
C PHE B 28 -4.17 -18.02 16.01
N SER B 29 -2.91 -17.69 16.28
CA SER B 29 -1.88 -18.67 16.62
C SER B 29 -1.51 -18.58 18.09
N ALA B 30 -0.23 -18.75 18.43
CA ALA B 30 0.24 -18.52 19.78
C ALA B 30 1.57 -17.78 19.70
N GLY B 31 1.92 -17.13 20.80
CA GLY B 31 3.17 -16.40 20.92
C GLY B 31 3.07 -14.93 20.61
N TYR B 32 2.02 -14.50 19.90
CA TYR B 32 1.77 -13.09 19.65
C TYR B 32 0.44 -12.71 20.31
N ASP B 33 0.48 -11.66 21.13
CA ASP B 33 -0.70 -11.19 21.85
C ASP B 33 -1.53 -10.27 20.98
N MET B 34 -2.85 -10.32 21.15
CA MET B 34 -3.76 -9.37 20.51
C MET B 34 -4.21 -8.33 21.52
N CYS B 35 -4.33 -7.08 21.06
CA CYS B 35 -4.54 -5.96 21.97
C CYS B 35 -5.46 -4.92 21.33
N TRP B 36 -5.90 -3.99 22.18
CA TRP B 36 -6.73 -2.86 21.76
C TRP B 36 -6.10 -1.57 22.26
N VAL B 37 -6.14 -0.54 21.41
CA VAL B 37 -5.65 0.81 21.71
C VAL B 37 -6.72 1.78 21.24
N ARG B 38 -6.91 2.89 21.97
CA ARG B 38 -7.88 3.91 21.57
C ARG B 38 -7.20 5.26 21.38
N GLN B 39 -7.87 6.12 20.63
CA GLN B 39 -7.33 7.42 20.25
C GLN B 39 -8.48 8.44 20.29
N ALA B 40 -8.60 9.14 21.41
CA ALA B 40 -9.53 10.25 21.47
C ALA B 40 -9.24 11.21 20.32
N PRO B 41 -10.26 11.91 19.84
CA PRO B 41 -10.10 12.71 18.61
C PRO B 41 -9.07 13.81 18.78
N GLY B 42 -8.01 13.73 17.95
CA GLY B 42 -6.94 14.70 18.04
C GLY B 42 -6.14 14.61 19.33
N LYS B 43 -6.08 13.43 19.92
CA LYS B 43 -5.38 13.18 21.18
C LYS B 43 -4.47 11.98 20.99
N GLY B 44 -3.72 11.68 22.03
CA GLY B 44 -2.78 10.59 21.96
C GLY B 44 -3.43 9.24 22.12
N LEU B 45 -2.59 8.23 21.94
CA LEU B 45 -2.99 6.84 22.01
C LEU B 45 -2.82 6.35 23.45
N GLU B 46 -3.71 5.45 23.86
CA GLU B 46 -3.55 4.81 25.16
C GLU B 46 -3.94 3.35 25.06
N TRP B 47 -3.18 2.52 25.75
CA TRP B 47 -3.36 1.08 25.68
C TRP B 47 -4.56 0.67 26.52
N ILE B 48 -5.41 -0.21 25.98
CA ILE B 48 -6.60 -0.59 26.73
C ILE B 48 -6.43 -1.93 27.42
N ALA B 49 -6.00 -2.96 26.68
CA ALA B 49 -5.79 -4.30 27.24
C ALA B 49 -5.25 -5.25 26.19
N CYS B 50 -4.52 -6.27 26.67
CA CYS B 50 -3.99 -7.33 25.83
C CYS B 50 -4.55 -8.66 26.25
N ILE B 51 -4.52 -9.61 25.32
CA ILE B 51 -4.89 -11.00 25.59
C ILE B 51 -3.92 -11.91 24.84
N TYR B 52 -3.42 -12.93 25.53
CA TYR B 52 -2.60 -13.95 24.89
C TYR B 52 -3.42 -14.69 23.83
N ALA B 53 -2.74 -15.12 22.78
CA ALA B 53 -3.38 -15.94 21.77
C ALA B 53 -3.35 -17.44 22.09
N ASP B 54 -2.62 -17.86 23.12
CA ASP B 54 -2.42 -19.29 23.41
C ASP B 54 -3.66 -19.98 23.96
N GLY B 55 -4.77 -19.28 24.13
CA GLY B 55 -5.93 -19.86 24.75
C GLY B 55 -5.85 -19.98 26.26
N SER B 56 -4.71 -19.65 26.88
CA SER B 56 -4.64 -19.56 28.33
C SER B 56 -5.41 -18.37 28.87
N GLY B 57 -5.77 -17.42 28.01
CA GLY B 57 -6.53 -16.28 28.42
C GLY B 57 -5.79 -15.31 29.32
N SER B 58 -4.46 -15.41 29.39
CA SER B 58 -3.69 -14.43 30.17
C SER B 58 -4.00 -13.03 29.64
N THR B 59 -4.16 -12.08 30.55
CA THR B 59 -4.69 -10.78 30.18
C THR B 59 -3.97 -9.68 30.93
N TYR B 60 -3.26 -8.83 30.19
CA TYR B 60 -2.84 -7.53 30.67
C TYR B 60 -3.99 -6.56 30.48
N TYR B 61 -4.47 -5.93 31.55
CA TYR B 61 -5.39 -4.81 31.46
C TYR B 61 -4.73 -3.56 32.02
N ALA B 62 -5.03 -2.41 31.44
CA ALA B 62 -4.55 -1.14 32.00
C ALA B 62 -5.29 -0.85 33.29
N ASN B 63 -4.58 -0.31 34.28
CA ASN B 63 -5.19 -0.14 35.59
C ASN B 63 -6.37 0.83 35.57
N TRP B 64 -6.48 1.67 34.54
CA TRP B 64 -7.68 2.48 34.40
C TRP B 64 -8.85 1.69 33.80
N ALA B 65 -8.55 0.68 32.96
CA ALA B 65 -9.55 -0.05 32.18
C ALA B 65 -10.06 -1.34 32.81
N LYS B 66 -9.72 -1.62 34.08
CA LYS B 66 -10.22 -2.83 34.70
C LYS B 66 -11.70 -2.68 35.08
N GLY B 67 -12.38 -3.79 35.28
CA GLY B 67 -13.77 -3.73 35.67
C GLY B 67 -14.74 -3.35 34.55
N ARG B 68 -14.47 -2.24 33.83
CA ARG B 68 -15.36 -1.79 32.77
C ARG B 68 -15.06 -2.39 31.41
N PHE B 69 -13.86 -2.92 31.21
CA PHE B 69 -13.49 -3.56 29.95
C PHE B 69 -13.19 -5.03 30.16
N THR B 70 -13.55 -5.84 29.18
CA THR B 70 -13.14 -7.24 29.12
C THR B 70 -12.72 -7.53 27.69
N ILE B 71 -11.56 -8.17 27.52
CA ILE B 71 -11.03 -8.56 26.23
C ILE B 71 -11.04 -10.09 26.17
N SER B 72 -11.32 -10.65 24.99
CA SER B 72 -11.44 -12.11 24.87
C SER B 72 -11.25 -12.55 23.42
N LEU B 73 -10.96 -13.83 23.24
CA LEU B 73 -10.85 -14.46 21.92
C LEU B 73 -12.22 -15.05 21.57
N ALA B 74 -12.82 -14.57 20.47
CA ALA B 74 -14.13 -15.08 20.08
C ALA B 74 -14.01 -16.36 19.25
N SER B 75 -13.07 -16.38 18.31
CA SER B 75 -12.86 -17.53 17.44
C SER B 75 -11.36 -17.60 17.11
N SER B 76 -11.05 -18.23 15.98
CA SER B 76 -9.67 -18.27 15.50
C SER B 76 -9.32 -17.08 14.61
N THR B 77 -10.29 -16.20 14.29
CA THR B 77 -10.00 -14.98 13.52
C THR B 77 -10.66 -13.72 14.10
N THR B 78 -11.28 -13.80 15.28
CA THR B 78 -12.00 -12.67 15.87
C THR B 78 -11.67 -12.52 17.35
N VAL B 79 -11.21 -11.32 17.73
CA VAL B 79 -11.05 -10.90 19.12
C VAL B 79 -12.05 -9.78 19.40
N THR B 80 -12.64 -9.80 20.60
CA THR B 80 -13.65 -8.80 20.96
C THR B 80 -13.28 -8.10 22.26
N LEU B 81 -13.76 -6.86 22.41
CA LEU B 81 -13.52 -6.06 23.60
C LEU B 81 -14.86 -5.52 24.11
N GLN B 82 -15.19 -5.84 25.36
CA GLN B 82 -16.48 -5.52 25.96
C GLN B 82 -16.36 -4.28 26.82
N MET B 83 -17.09 -3.24 26.45
CA MET B 83 -17.10 -1.98 27.18
C MET B 83 -18.39 -1.90 27.99
N THR B 84 -18.33 -1.25 29.16
CA THR B 84 -19.49 -1.08 30.01
C THR B 84 -19.37 0.24 30.77
N GLY B 85 -20.52 0.88 31.01
CA GLY B 85 -20.56 2.14 31.70
C GLY B 85 -19.92 3.23 30.86
N LEU B 86 -20.35 3.33 29.60
CA LEU B 86 -19.69 4.19 28.63
C LEU B 86 -19.81 5.65 29.03
N THR B 87 -18.70 6.36 29.04
CA THR B 87 -18.67 7.78 29.35
C THR B 87 -18.17 8.56 28.13
N ALA B 88 -18.26 9.89 28.20
CA ALA B 88 -17.77 10.71 27.09
C ALA B 88 -16.25 10.69 26.99
N ALA B 89 -15.55 10.28 28.05
CA ALA B 89 -14.11 10.06 27.95
C ALA B 89 -13.77 8.76 27.23
N ASP B 90 -14.77 7.94 26.91
CA ASP B 90 -14.60 6.73 26.11
C ASP B 90 -14.92 6.96 24.64
N THR B 91 -15.14 8.21 24.22
CA THR B 91 -15.24 8.56 22.81
C THR B 91 -13.86 8.54 22.20
N ALA B 92 -13.64 7.66 21.22
CA ALA B 92 -12.29 7.41 20.74
C ALA B 92 -12.40 6.55 19.50
N THR B 93 -11.26 6.37 18.82
CA THR B 93 -11.18 5.45 17.70
C THR B 93 -10.47 4.22 18.23
N TYR B 94 -11.19 3.11 18.30
CA TYR B 94 -10.66 1.90 18.91
C TYR B 94 -9.97 1.07 17.83
N PHE B 95 -8.64 0.96 17.93
CA PHE B 95 -7.77 0.21 17.04
C PHE B 95 -7.57 -1.21 17.57
N CYS B 96 -7.27 -2.15 16.67
CA CYS B 96 -6.92 -3.51 17.02
C CYS B 96 -5.60 -3.85 16.36
N ALA B 97 -4.75 -4.60 17.08
CA ALA B 97 -3.37 -4.74 16.64
C ALA B 97 -2.83 -6.10 17.05
N ARG B 98 -1.60 -6.35 16.65
CA ARG B 98 -0.98 -7.64 16.88
C ARG B 98 0.50 -7.46 17.15
N GLU B 99 0.95 -8.01 18.27
CA GLU B 99 2.37 -8.02 18.60
C GLU B 99 3.17 -8.70 17.48
N GLY B 100 4.29 -8.08 17.10
CA GLY B 100 5.16 -8.64 16.09
C GLY B 100 6.28 -9.47 16.70
N ALA B 101 6.75 -10.46 15.93
CA ALA B 101 7.57 -11.56 16.44
C ALA B 101 8.98 -11.51 15.85
N ASP B 102 9.98 -11.20 16.69
CA ASP B 102 11.36 -11.24 16.24
C ASP B 102 11.76 -12.67 15.90
N GLY B 103 11.56 -13.59 16.84
CA GLY B 103 11.75 -14.99 16.57
C GLY B 103 10.43 -15.73 16.42
N PRO B 104 10.43 -17.02 16.69
CA PRO B 104 9.19 -17.82 16.57
C PRO B 104 8.51 -18.20 17.88
N ASP B 105 8.95 -17.71 19.04
CA ASP B 105 8.41 -18.20 20.31
C ASP B 105 7.52 -17.22 21.06
N TYR B 106 7.83 -15.93 21.03
CA TYR B 106 7.13 -14.95 21.85
C TYR B 106 7.03 -13.65 21.04
N GLY B 107 6.79 -12.55 21.73
CA GLY B 107 6.77 -11.28 21.04
C GLY B 107 7.80 -10.29 21.53
N TYR B 108 8.00 -9.21 20.76
CA TYR B 108 8.97 -8.17 21.09
C TYR B 108 8.28 -6.88 21.55
N ALA B 109 7.07 -6.99 22.12
CA ALA B 109 6.36 -5.86 22.74
C ALA B 109 6.29 -4.65 21.82
N ALA B 110 5.89 -4.89 20.57
CA ALA B 110 5.61 -3.83 19.62
C ALA B 110 4.55 -4.32 18.64
N PHE B 111 3.66 -3.41 18.26
CA PHE B 111 2.51 -3.76 17.43
C PHE B 111 2.86 -3.58 15.96
N SER B 112 3.09 -4.70 15.27
CA SER B 112 3.49 -4.62 13.88
C SER B 112 2.28 -4.48 12.96
N LEU B 113 1.19 -5.16 13.27
CA LEU B 113 0.01 -5.20 12.40
C LEU B 113 -1.16 -4.48 13.06
N TRP B 114 -1.73 -3.51 12.34
CA TRP B 114 -2.81 -2.67 12.83
C TRP B 114 -4.00 -2.73 11.88
N GLY B 115 -5.19 -2.55 12.43
CA GLY B 115 -6.37 -2.37 11.62
C GLY B 115 -6.69 -0.89 11.44
N PRO B 116 -7.74 -0.59 10.67
CA PRO B 116 -8.08 0.82 10.43
C PRO B 116 -8.77 1.52 11.60
N GLY B 117 -9.41 0.79 12.49
CA GLY B 117 -10.10 1.38 13.62
C GLY B 117 -11.61 1.36 13.44
N THR B 118 -12.29 1.75 14.51
CA THR B 118 -13.72 2.00 14.48
C THR B 118 -13.99 3.06 15.52
N LEU B 119 -15.05 3.82 15.31
CA LEU B 119 -15.29 4.99 16.14
C LEU B 119 -16.46 4.71 17.09
N VAL B 120 -16.24 4.98 18.37
CA VAL B 120 -17.26 4.91 19.40
C VAL B 120 -17.55 6.34 19.85
N THR B 121 -18.80 6.79 19.63
CA THR B 121 -19.24 8.14 19.99
C THR B 121 -20.23 8.02 21.14
N VAL B 122 -19.85 8.55 22.30
CA VAL B 122 -20.64 8.41 23.53
C VAL B 122 -21.38 9.73 23.71
N SER B 123 -22.62 9.75 23.27
CA SER B 123 -23.42 10.96 23.34
C SER B 123 -24.89 10.59 23.40
N SER B 124 -25.64 11.34 24.19
CA SER B 124 -27.06 11.04 24.32
C SER B 124 -27.82 11.32 23.03
N SER B 125 -27.31 12.28 22.24
CA SER B 125 -27.99 12.77 21.04
C SER B 125 -28.32 11.65 20.06
N GLN B 126 -29.38 11.87 19.17
CA GLN B 126 -29.85 10.91 18.17
C GLN B 126 -29.10 11.09 16.86
N PRO B 127 -28.85 9.99 16.15
CA PRO B 127 -28.16 10.09 14.85
C PRO B 127 -28.86 11.05 13.91
N LYS B 128 -28.06 11.87 13.22
CA LYS B 128 -28.54 12.86 12.27
C LYS B 128 -27.75 12.75 10.97
N ALA B 129 -28.47 12.69 9.86
CA ALA B 129 -27.79 12.58 8.58
C ALA B 129 -27.33 13.96 8.13
N PRO B 130 -26.26 14.03 7.32
CA PRO B 130 -25.75 15.33 6.88
C PRO B 130 -26.53 15.89 5.71
N SER B 131 -26.61 17.22 5.69
CA SER B 131 -27.13 17.94 4.54
C SER B 131 -25.97 18.30 3.64
N VAL B 132 -26.20 18.29 2.33
CA VAL B 132 -25.13 18.50 1.35
C VAL B 132 -25.50 19.66 0.45
N PHE B 133 -24.53 20.56 0.23
CA PHE B 133 -24.68 21.73 -0.60
C PHE B 133 -23.49 21.83 -1.54
N PRO B 134 -23.71 22.15 -2.81
CA PRO B 134 -22.58 22.37 -3.72
C PRO B 134 -21.83 23.63 -3.36
N LEU B 135 -20.51 23.58 -3.49
CA LEU B 135 -19.68 24.77 -3.33
C LEU B 135 -19.10 25.11 -4.68
N ALA B 136 -19.35 26.33 -5.13
CA ALA B 136 -18.99 26.74 -6.47
C ALA B 136 -18.65 28.23 -6.44
N PRO B 137 -17.78 28.70 -7.33
CA PRO B 137 -17.38 30.10 -7.31
C PRO B 137 -18.53 31.04 -7.69
N CYS B 138 -18.32 32.32 -7.37
CA CYS B 138 -19.32 33.35 -7.66
C CYS B 138 -19.53 33.50 -9.16
N CYS B 139 -20.78 33.74 -9.56
CA CYS B 139 -21.14 33.79 -10.99
C CYS B 139 -20.39 34.91 -11.71
N GLY B 140 -20.30 36.09 -11.08
CA GLY B 140 -19.68 37.23 -11.74
C GLY B 140 -18.20 37.08 -11.99
N ASP B 141 -17.52 36.22 -11.22
CA ASP B 141 -16.09 36.01 -11.40
C ASP B 141 -15.79 35.47 -12.79
N THR B 142 -14.77 36.05 -13.43
CA THR B 142 -14.43 35.73 -14.81
C THR B 142 -13.97 34.28 -14.94
N PRO B 143 -14.35 33.57 -16.01
CA PRO B 143 -13.96 32.15 -16.13
C PRO B 143 -12.46 31.97 -16.28
N SER B 144 -11.95 30.90 -15.69
CA SER B 144 -10.54 30.55 -15.84
C SER B 144 -10.40 29.21 -16.55
N SER B 145 -9.14 28.84 -16.81
CA SER B 145 -8.85 27.58 -17.48
C SER B 145 -9.18 26.38 -16.61
N THR B 146 -9.05 26.51 -15.30
CA THR B 146 -9.41 25.45 -14.39
C THR B 146 -10.35 26.03 -13.34
N VAL B 147 -11.12 25.15 -12.70
CA VAL B 147 -12.08 25.55 -11.69
C VAL B 147 -11.96 24.63 -10.49
N THR B 148 -12.19 25.18 -9.30
CA THR B 148 -12.25 24.41 -8.07
C THR B 148 -13.68 24.43 -7.57
N LEU B 149 -14.29 23.26 -7.52
CA LEU B 149 -15.62 23.05 -6.99
C LEU B 149 -15.52 22.21 -5.72
N GLY B 150 -16.66 21.95 -5.09
CA GLY B 150 -16.62 21.32 -3.78
C GLY B 150 -18.00 21.05 -3.23
N CYS B 151 -18.01 20.38 -2.08
CA CYS B 151 -19.22 19.95 -1.41
C CYS B 151 -19.10 20.19 0.09
N LEU B 152 -20.20 20.65 0.69
CA LEU B 152 -20.27 21.01 2.10
C LEU B 152 -21.20 20.00 2.78
N VAL B 153 -20.61 19.06 3.51
CA VAL B 153 -21.35 18.08 4.27
C VAL B 153 -21.55 18.67 5.66
N LYS B 154 -22.78 19.00 5.99
CA LYS B 154 -23.07 19.88 7.12
C LYS B 154 -24.16 19.27 8.00
N GLY B 155 -23.87 19.17 9.30
CA GLY B 155 -24.91 18.93 10.30
C GLY B 155 -25.19 17.49 10.64
N TYR B 156 -24.16 16.64 10.64
CA TYR B 156 -24.32 15.20 10.83
C TYR B 156 -23.78 14.77 12.17
N LEU B 157 -24.32 13.66 12.70
CA LEU B 157 -23.87 13.05 13.95
C LEU B 157 -24.27 11.57 13.98
N PRO B 158 -23.34 10.68 14.32
CA PRO B 158 -21.95 10.93 14.63
C PRO B 158 -21.11 10.78 13.38
N GLU B 159 -19.80 10.89 13.56
CA GLU B 159 -18.88 10.50 12.51
C GLU B 159 -18.97 8.99 12.31
N PRO B 160 -18.51 8.48 11.16
CA PRO B 160 -17.95 9.20 10.02
C PRO B 160 -18.92 9.36 8.86
N VAL B 161 -18.54 10.26 7.95
CA VAL B 161 -19.05 10.33 6.59
C VAL B 161 -17.86 10.03 5.67
N THR B 162 -18.16 9.70 4.43
CA THR B 162 -17.09 9.57 3.44
C THR B 162 -17.48 10.30 2.16
N VAL B 163 -16.53 11.04 1.60
CA VAL B 163 -16.75 11.89 0.43
C VAL B 163 -15.81 11.42 -0.67
N THR B 164 -16.37 11.04 -1.83
CA THR B 164 -15.60 10.77 -3.02
C THR B 164 -16.16 11.58 -4.18
N TRP B 165 -15.35 11.76 -5.22
CA TRP B 165 -15.74 12.56 -6.37
C TRP B 165 -15.84 11.68 -7.59
N ASN B 166 -16.99 11.75 -8.26
CA ASN B 166 -17.24 10.94 -9.45
C ASN B 166 -16.97 9.48 -9.14
N SER B 167 -17.48 9.04 -8.00
CA SER B 167 -17.47 7.64 -7.58
C SER B 167 -16.06 7.12 -7.32
N GLY B 168 -15.18 8.00 -6.86
CA GLY B 168 -13.81 7.63 -6.61
C GLY B 168 -12.89 7.67 -7.81
N THR B 169 -13.40 7.95 -9.01
CA THR B 169 -12.53 8.03 -10.18
C THR B 169 -11.80 9.36 -10.29
N LEU B 170 -12.17 10.35 -9.47
CA LEU B 170 -11.45 11.62 -9.40
C LEU B 170 -10.83 11.73 -8.01
N THR B 171 -9.51 11.64 -7.95
CA THR B 171 -8.81 11.64 -6.68
C THR B 171 -7.73 12.70 -6.59
N ASN B 172 -7.02 12.96 -7.69
CA ASN B 172 -5.84 13.79 -7.63
C ASN B 172 -6.21 15.25 -7.49
N GLY B 173 -5.43 15.95 -6.67
CA GLY B 173 -5.76 17.32 -6.33
C GLY B 173 -7.12 17.43 -5.64
N VAL B 174 -7.44 16.48 -4.76
CA VAL B 174 -8.66 16.51 -3.95
C VAL B 174 -8.25 16.69 -2.51
N ARG B 175 -8.67 17.82 -1.94
CA ARG B 175 -8.56 18.08 -0.51
C ARG B 175 -9.89 17.79 0.16
N THR B 176 -9.91 16.81 1.05
CA THR B 176 -11.05 16.63 1.93
C THR B 176 -10.65 17.03 3.35
N PHE B 177 -11.36 17.94 3.89
CA PHE B 177 -10.79 18.44 5.14
C PHE B 177 -11.31 17.64 6.32
N PRO B 178 -10.52 17.58 7.38
CA PRO B 178 -11.01 16.99 8.64
C PRO B 178 -12.32 17.64 9.08
N SER B 179 -13.13 16.85 9.77
CA SER B 179 -14.44 17.32 10.21
C SER B 179 -14.29 18.26 11.40
N VAL B 180 -15.07 19.34 11.40
CA VAL B 180 -15.21 20.18 12.59
C VAL B 180 -16.59 19.93 13.19
N ARG B 181 -16.68 20.15 14.50
CA ARG B 181 -17.91 19.95 15.25
C ARG B 181 -18.42 21.31 15.74
N GLN B 182 -19.62 21.69 15.28
CA GLN B 182 -20.20 22.98 15.63
C GLN B 182 -20.41 23.11 17.14
N SER B 183 -20.66 24.35 17.57
CA SER B 183 -21.05 24.59 18.95
C SER B 183 -22.37 23.89 19.31
N SER B 184 -23.15 23.44 18.31
CA SER B 184 -24.43 22.81 18.57
C SER B 184 -24.30 21.33 18.90
N GLY B 185 -23.10 20.77 18.77
CA GLY B 185 -22.88 19.35 18.96
C GLY B 185 -22.87 18.54 17.68
N LEU B 186 -23.16 19.14 16.53
CA LEU B 186 -23.15 18.41 15.28
C LEU B 186 -21.79 18.57 14.59
N TYR B 187 -21.56 17.75 13.57
CA TYR B 187 -20.31 17.71 12.82
C TYR B 187 -20.50 18.19 11.39
N SER B 188 -19.43 18.75 10.81
CA SER B 188 -19.41 19.27 9.45
C SER B 188 -18.03 19.06 8.85
N LEU B 189 -17.99 18.88 7.53
CA LEU B 189 -16.72 18.96 6.81
C LEU B 189 -16.98 19.28 5.36
N SER B 190 -15.95 19.83 4.71
CA SER B 190 -16.01 20.19 3.30
C SER B 190 -14.93 19.47 2.52
N SER B 191 -15.16 19.31 1.22
CA SER B 191 -14.23 18.64 0.31
C SER B 191 -14.20 19.39 -1.01
N VAL B 192 -13.01 19.60 -1.57
CA VAL B 192 -12.86 20.33 -2.83
C VAL B 192 -11.94 19.57 -3.76
N VAL B 193 -12.16 19.75 -5.06
CA VAL B 193 -11.33 19.16 -6.10
C VAL B 193 -11.11 20.20 -7.16
N SER B 194 -9.92 20.20 -7.75
CA SER B 194 -9.64 21.04 -8.91
C SER B 194 -9.61 20.22 -10.19
N VAL B 195 -10.23 20.75 -11.24
CA VAL B 195 -10.32 20.11 -12.54
C VAL B 195 -10.27 21.19 -13.61
N THR B 196 -9.77 20.83 -14.78
CA THR B 196 -9.85 21.73 -15.92
C THR B 196 -11.30 21.96 -16.29
N SER B 197 -11.67 23.23 -16.48
CA SER B 197 -13.09 23.62 -16.53
C SER B 197 -13.81 23.08 -17.76
N SER B 198 -13.07 22.65 -18.79
CA SER B 198 -13.69 22.06 -19.97
C SER B 198 -14.33 20.70 -19.64
N SER B 199 -13.63 19.85 -18.89
CA SER B 199 -14.13 18.51 -18.59
C SER B 199 -15.48 18.56 -17.90
N GLN B 200 -16.24 17.47 -18.07
CA GLN B 200 -17.64 17.40 -17.68
C GLN B 200 -17.85 17.71 -16.19
N PRO B 201 -19.06 18.13 -15.81
CA PRO B 201 -19.27 18.63 -14.45
C PRO B 201 -19.11 17.53 -13.41
N VAL B 202 -18.64 17.95 -12.24
CA VAL B 202 -18.23 17.02 -11.20
C VAL B 202 -19.41 16.66 -10.30
N THR B 203 -19.26 15.57 -9.56
CA THR B 203 -20.34 15.08 -8.71
C THR B 203 -19.71 14.40 -7.52
N CYS B 204 -19.84 15.01 -6.34
CA CYS B 204 -19.34 14.43 -5.10
C CYS B 204 -20.37 13.45 -4.53
N ASN B 205 -19.88 12.48 -3.75
CA ASN B 205 -20.69 11.36 -3.23
C ASN B 205 -20.48 11.23 -1.73
N VAL B 206 -21.51 11.54 -0.95
CA VAL B 206 -21.43 11.66 0.51
C VAL B 206 -22.25 10.52 1.14
N ALA B 207 -21.58 9.64 1.90
CA ALA B 207 -22.23 8.54 2.60
C ALA B 207 -22.16 8.74 4.12
N HIS B 208 -23.27 8.48 4.81
CA HIS B 208 -23.33 8.52 6.27
C HIS B 208 -23.77 7.15 6.75
N PRO B 209 -22.82 6.26 7.08
CA PRO B 209 -23.20 4.87 7.43
C PRO B 209 -24.19 4.78 8.56
N ALA B 210 -24.06 5.66 9.56
CA ALA B 210 -24.85 5.61 10.78
C ALA B 210 -26.34 5.84 10.55
N THR B 211 -26.73 6.21 9.33
CA THR B 211 -28.11 6.50 8.99
C THR B 211 -28.55 5.85 7.68
N ASN B 212 -27.68 5.04 7.04
CA ASN B 212 -27.91 4.46 5.71
C ASN B 212 -27.99 5.53 4.62
N THR B 213 -27.36 6.67 4.86
CA THR B 213 -27.43 7.82 3.98
C THR B 213 -26.39 7.70 2.89
N LYS B 214 -26.82 7.90 1.64
CA LYS B 214 -25.93 8.05 0.49
C LYS B 214 -26.58 9.08 -0.42
N VAL B 215 -25.90 10.20 -0.64
CA VAL B 215 -26.48 11.33 -1.36
C VAL B 215 -25.43 11.88 -2.31
N ASP B 216 -25.85 12.20 -3.54
CA ASP B 216 -24.97 12.69 -4.61
C ASP B 216 -25.36 14.11 -4.99
N LYS B 217 -24.36 14.96 -5.25
CA LYS B 217 -24.63 16.34 -5.58
C LYS B 217 -23.68 16.74 -6.71
N THR B 218 -24.23 17.01 -7.90
CA THR B 218 -23.44 17.50 -9.02
C THR B 218 -23.25 19.00 -8.88
N VAL B 219 -22.00 19.45 -8.88
CA VAL B 219 -21.70 20.88 -8.82
C VAL B 219 -21.55 21.41 -10.24
N ALA B 220 -22.41 22.35 -10.61
CA ALA B 220 -22.18 23.15 -11.80
C ALA B 220 -21.04 24.13 -11.53
N PRO B 221 -20.36 24.61 -12.58
CA PRO B 221 -19.39 25.71 -12.37
C PRO B 221 -20.01 27.00 -11.87
N SER B 222 -21.35 27.06 -11.70
CA SER B 222 -22.11 28.21 -11.18
C SER B 222 -22.06 29.41 -12.12
N THR B 223 -22.71 29.23 -13.27
CA THR B 223 -22.77 30.34 -14.23
C THR B 223 -23.85 31.35 -13.87
N CYS B 224 -24.97 30.89 -13.31
CA CYS B 224 -26.11 31.74 -12.97
C CYS B 224 -26.57 32.58 -14.16
N ASP C 1 -4.84 -5.59 -35.98
CA ASP C 1 -4.05 -5.38 -34.75
C ASP C 1 -2.89 -4.38 -34.92
N VAL C 2 -2.95 -3.28 -34.16
CA VAL C 2 -1.86 -2.32 -34.16
C VAL C 2 -0.64 -2.95 -33.54
N VAL C 3 0.54 -2.48 -33.95
CA VAL C 3 1.80 -2.86 -33.32
C VAL C 3 2.31 -1.68 -32.55
N MET C 4 2.57 -1.89 -31.26
CA MET C 4 3.09 -0.86 -30.39
C MET C 4 4.59 -1.08 -30.19
N THR C 5 5.40 -0.28 -30.87
CA THR C 5 6.85 -0.39 -30.81
C THR C 5 7.37 0.54 -29.73
N GLN C 6 7.78 -0.02 -28.61
CA GLN C 6 8.21 0.74 -27.44
C GLN C 6 9.73 0.79 -27.36
N THR C 7 10.29 1.99 -27.21
CA THR C 7 11.74 2.12 -27.09
C THR C 7 12.12 2.90 -25.84
N PRO C 8 13.15 2.43 -25.10
CA PRO C 8 13.99 1.27 -25.38
C PRO C 8 13.63 0.01 -24.56
N ALA C 9 14.24 -1.13 -24.86
CA ALA C 9 13.96 -2.35 -24.10
C ALA C 9 14.36 -2.19 -22.64
N SER C 10 15.49 -1.54 -22.38
CA SER C 10 16.00 -1.36 -21.04
C SER C 10 16.69 0.00 -20.96
N VAL C 11 16.49 0.72 -19.88
CA VAL C 11 17.23 1.95 -19.65
C VAL C 11 17.81 1.91 -18.24
N GLU C 12 18.97 2.53 -18.05
CA GLU C 12 19.65 2.58 -16.76
C GLU C 12 19.98 4.03 -16.44
N ALA C 13 19.63 4.48 -15.23
CA ALA C 13 19.73 5.90 -14.89
C ALA C 13 19.97 6.07 -13.40
N ALA C 14 20.70 7.12 -13.02
CA ALA C 14 21.06 7.30 -11.63
C ALA C 14 19.83 7.73 -10.82
N VAL C 15 19.97 7.64 -9.49
CA VAL C 15 18.93 8.15 -8.61
C VAL C 15 18.84 9.67 -8.79
N GLY C 16 17.62 10.18 -8.91
CA GLY C 16 17.43 11.60 -9.14
C GLY C 16 17.52 12.05 -10.59
N GLY C 17 17.99 11.20 -11.49
CA GLY C 17 18.00 11.50 -12.90
C GLY C 17 16.65 11.26 -13.54
N THR C 18 16.57 11.56 -14.83
CA THR C 18 15.31 11.57 -15.54
C THR C 18 15.43 10.62 -16.74
N VAL C 19 14.28 10.16 -17.23
CA VAL C 19 14.28 9.15 -18.28
C VAL C 19 13.04 9.37 -19.16
N THR C 20 13.17 9.13 -20.46
CA THR C 20 12.06 9.32 -21.39
C THR C 20 11.87 8.06 -22.25
N ILE C 21 10.75 7.36 -22.03
CA ILE C 21 10.35 6.18 -22.80
C ILE C 21 9.45 6.62 -23.96
N LYS C 22 9.40 5.83 -25.03
CA LYS C 22 8.69 6.20 -26.25
C LYS C 22 7.88 5.00 -26.78
N CYS C 23 6.66 5.27 -27.25
CA CYS C 23 5.88 4.31 -28.05
C CYS C 23 5.48 4.93 -29.38
N GLN C 24 5.70 4.19 -30.46
CA GLN C 24 5.19 4.57 -31.77
C GLN C 24 4.24 3.50 -32.28
N ALA C 25 3.06 3.92 -32.72
CA ALA C 25 2.05 3.01 -33.21
C ALA C 25 2.26 2.80 -34.70
N SER C 26 2.17 1.53 -35.13
CA SER C 26 2.29 1.22 -36.54
C SER C 26 1.11 1.74 -37.35
N GLN C 27 -0.03 1.90 -36.70
CA GLN C 27 -1.24 2.45 -37.30
C GLN C 27 -1.72 3.59 -36.41
N SER C 28 -2.67 4.37 -36.90
CA SER C 28 -3.12 5.50 -36.11
C SER C 28 -4.04 5.00 -35.00
N ILE C 29 -3.92 5.61 -33.83
CA ILE C 29 -4.79 5.25 -32.71
C ILE C 29 -5.54 6.49 -32.25
N SER C 30 -6.21 6.35 -31.11
CA SER C 30 -6.92 7.42 -30.42
C SER C 30 -6.03 8.07 -29.38
N ASN C 31 -6.40 9.31 -29.02
CA ASN C 31 -5.82 10.05 -27.90
C ASN C 31 -5.93 9.31 -26.57
N TYR C 32 -6.73 8.23 -26.50
CA TYR C 32 -6.81 7.37 -25.31
C TYR C 32 -5.55 6.52 -25.26
N PHE C 33 -4.51 7.09 -24.66
CA PHE C 33 -3.21 6.43 -24.51
C PHE C 33 -2.85 6.38 -23.04
N SER C 34 -2.27 5.27 -22.60
CA SER C 34 -2.02 5.09 -21.18
C SER C 34 -0.62 4.54 -20.98
N TRP C 35 -0.24 4.40 -19.72
CA TRP C 35 1.09 3.92 -19.33
C TRP C 35 1.03 3.22 -17.98
N TYR C 36 1.66 2.06 -17.87
CA TYR C 36 1.56 1.25 -16.67
C TYR C 36 2.93 1.04 -16.04
N GLN C 37 2.92 0.62 -14.79
CA GLN C 37 4.12 0.21 -14.10
C GLN C 37 3.87 -1.16 -13.50
N GLN C 38 4.87 -2.04 -13.56
CA GLN C 38 4.70 -3.42 -13.12
C GLN C 38 5.95 -3.88 -12.39
N LYS C 39 5.88 -3.97 -11.09
CA LYS C 39 7.00 -4.59 -10.39
C LYS C 39 6.85 -6.11 -10.46
N PRO C 40 7.94 -6.84 -10.30
CA PRO C 40 7.90 -8.30 -10.44
C PRO C 40 6.91 -9.00 -9.51
N GLY C 41 6.21 -9.99 -10.06
CA GLY C 41 5.26 -10.77 -9.30
C GLY C 41 3.99 -10.07 -8.91
N GLN C 42 3.69 -8.92 -9.50
CA GLN C 42 2.54 -8.09 -9.16
C GLN C 42 1.81 -7.76 -10.44
N PRO C 43 0.55 -7.38 -10.34
CA PRO C 43 -0.18 -6.94 -11.53
C PRO C 43 0.26 -5.54 -11.92
N PRO C 44 -0.07 -5.08 -13.13
CA PRO C 44 0.31 -3.71 -13.51
C PRO C 44 -0.34 -2.69 -12.60
N LYS C 45 0.11 -1.44 -12.73
CA LYS C 45 -0.50 -0.33 -12.01
C LYS C 45 -0.64 0.82 -12.97
N LEU C 46 -1.86 1.28 -13.19
CA LEU C 46 -2.07 2.37 -14.14
C LEU C 46 -1.40 3.65 -13.65
N LEU C 47 -0.48 4.19 -14.47
CA LEU C 47 0.16 5.46 -14.20
C LEU C 47 -0.56 6.63 -14.89
N ILE C 48 -0.78 6.53 -16.20
CA ILE C 48 -1.33 7.63 -16.98
C ILE C 48 -2.43 7.09 -17.90
N TYR C 49 -3.40 7.95 -18.20
CA TYR C 49 -4.48 7.64 -19.13
C TYR C 49 -4.91 8.91 -19.85
N LYS C 50 -5.50 8.76 -21.03
CA LYS C 50 -5.70 9.89 -21.94
C LYS C 50 -4.40 10.67 -22.14
N ALA C 51 -3.32 9.93 -22.38
CA ALA C 51 -2.03 10.47 -22.81
C ALA C 51 -1.24 11.18 -21.72
N SER C 52 -1.88 12.07 -20.95
CA SER C 52 -1.15 12.92 -20.02
C SER C 52 -1.72 12.99 -18.60
N THR C 53 -2.96 12.56 -18.37
CA THR C 53 -3.60 12.69 -17.07
C THR C 53 -3.15 11.59 -16.11
N LEU C 54 -2.78 11.96 -14.88
CA LEU C 54 -2.23 10.99 -13.96
C LEU C 54 -3.32 10.13 -13.31
N ALA C 55 -2.96 8.90 -12.97
CA ALA C 55 -3.90 8.04 -12.26
C ALA C 55 -3.94 8.45 -10.79
N SER C 56 -4.88 7.87 -10.06
CA SER C 56 -5.02 8.27 -8.66
C SER C 56 -3.82 7.83 -7.84
N GLY C 57 -3.07 8.81 -7.35
CA GLY C 57 -1.93 8.53 -6.49
C GLY C 57 -0.60 8.42 -7.20
N VAL C 58 -0.43 9.07 -8.35
CA VAL C 58 0.83 9.07 -9.08
C VAL C 58 1.45 10.45 -8.94
N PRO C 59 2.65 10.58 -8.35
CA PRO C 59 3.27 11.89 -8.20
C PRO C 59 3.59 12.47 -9.56
N SER C 60 3.74 13.80 -9.58
CA SER C 60 3.82 14.52 -10.85
C SER C 60 5.10 14.24 -11.63
N ARG C 61 6.15 13.67 -11.00
CA ARG C 61 7.37 13.39 -11.75
C ARG C 61 7.19 12.31 -12.80
N PHE C 62 6.08 11.56 -12.74
CA PHE C 62 5.63 10.78 -13.89
C PHE C 62 4.91 11.72 -14.84
N LYS C 63 5.33 11.77 -16.11
CA LYS C 63 4.78 12.73 -17.05
C LYS C 63 4.59 12.06 -18.41
N GLY C 64 3.37 12.20 -18.98
CA GLY C 64 3.09 11.65 -20.31
C GLY C 64 2.66 12.67 -21.34
N SER C 65 3.36 12.75 -22.47
CA SER C 65 2.99 13.64 -23.57
C SER C 65 2.98 12.85 -24.88
N GLY C 66 2.39 13.45 -25.91
CA GLY C 66 2.27 12.82 -27.22
C GLY C 66 0.90 13.03 -27.84
N SER C 67 0.82 12.63 -29.11
CA SER C 67 -0.33 12.79 -29.99
C SER C 67 -0.07 12.00 -31.28
N GLY C 68 -1.13 11.63 -31.98
CA GLY C 68 -1.01 10.87 -33.22
C GLY C 68 -0.53 9.44 -33.04
N THR C 69 0.73 9.18 -33.35
CA THR C 69 1.34 7.85 -33.29
C THR C 69 2.48 7.74 -32.27
N GLU C 70 3.21 8.84 -31.99
CA GLU C 70 4.25 8.85 -30.96
C GLU C 70 3.70 9.35 -29.63
N PHE C 71 4.04 8.66 -28.54
CA PHE C 71 3.71 9.11 -27.19
C PHE C 71 4.90 8.87 -26.27
N THR C 72 4.99 9.70 -25.22
CA THR C 72 6.11 9.70 -24.28
C THR C 72 5.62 9.39 -22.87
N LEU C 73 6.47 8.69 -22.11
CA LEU C 73 6.45 8.70 -20.65
C LEU C 73 7.79 9.23 -20.15
N THR C 74 7.76 10.18 -19.22
CA THR C 74 8.98 10.79 -18.70
C THR C 74 8.98 10.73 -17.18
N ILE C 75 9.91 9.98 -16.60
CA ILE C 75 10.06 9.88 -15.16
C ILE C 75 11.30 10.66 -14.76
N SER C 76 11.13 11.66 -13.90
CA SER C 76 12.19 12.51 -13.38
C SER C 76 12.39 12.19 -11.91
N ASP C 77 13.35 12.87 -11.27
CA ASP C 77 13.53 12.76 -9.84
C ASP C 77 13.53 11.29 -9.38
N LEU C 78 14.10 10.42 -10.22
CA LEU C 78 14.01 8.96 -10.09
C LEU C 78 14.39 8.45 -8.70
N GLU C 79 13.66 7.44 -8.23
CA GLU C 79 13.99 6.75 -6.99
C GLU C 79 14.18 5.25 -7.22
N CYS C 80 14.80 4.58 -6.26
CA CYS C 80 14.89 3.13 -6.33
C CYS C 80 13.51 2.50 -6.46
N ALA C 81 12.51 3.03 -5.74
CA ALA C 81 11.19 2.43 -5.78
C ALA C 81 10.56 2.48 -7.17
N ASP C 82 11.11 3.29 -8.07
CA ASP C 82 10.60 3.35 -9.44
C ASP C 82 11.12 2.21 -10.32
N ALA C 83 12.07 1.42 -9.84
CA ALA C 83 12.62 0.36 -10.67
C ALA C 83 11.54 -0.65 -10.99
N ALA C 84 11.18 -0.73 -12.25
CA ALA C 84 10.12 -1.63 -12.67
C ALA C 84 10.17 -1.72 -14.18
N THR C 85 9.30 -2.56 -14.74
CA THR C 85 9.04 -2.57 -16.16
C THR C 85 7.82 -1.69 -16.44
N TYR C 86 7.87 -0.95 -17.54
CA TYR C 86 6.89 0.06 -17.88
C TYR C 86 6.30 -0.25 -19.25
N TYR C 87 4.97 -0.26 -19.34
CA TYR C 87 4.24 -0.60 -20.56
C TYR C 87 3.36 0.55 -21.03
N CYS C 88 3.44 0.87 -22.32
CA CYS C 88 2.47 1.78 -22.93
C CYS C 88 1.30 0.99 -23.52
N GLN C 89 0.26 1.71 -23.93
CA GLN C 89 -0.96 1.04 -24.37
C GLN C 89 -1.91 2.04 -25.01
N SER C 90 -2.57 1.59 -26.07
CA SER C 90 -3.45 2.38 -26.92
C SER C 90 -4.75 1.65 -27.14
N PHE C 91 -5.69 2.35 -27.78
CA PHE C 91 -6.96 1.79 -28.21
C PHE C 91 -7.22 2.22 -29.65
N TYR C 92 -7.58 1.26 -30.51
CA TYR C 92 -7.87 1.57 -31.91
C TYR C 92 -9.27 1.09 -32.27
N GLY C 93 -9.79 1.67 -33.35
CA GLY C 93 -11.09 1.29 -33.84
C GLY C 93 -12.23 2.06 -33.18
N SER C 94 -13.41 1.51 -33.36
CA SER C 94 -14.64 2.15 -32.94
C SER C 94 -15.11 1.57 -31.63
N VAL C 95 -15.37 2.45 -30.65
CA VAL C 95 -16.03 2.07 -29.41
C VAL C 95 -17.49 1.67 -29.61
N THR C 96 -18.03 1.91 -30.80
CA THR C 96 -19.41 1.59 -31.13
C THR C 96 -19.54 0.31 -31.97
N SER C 97 -18.49 -0.51 -32.04
CA SER C 97 -18.55 -1.80 -32.71
C SER C 97 -17.68 -2.80 -31.95
N ASP C 98 -17.80 -4.07 -32.34
CA ASP C 98 -16.86 -5.10 -31.90
C ASP C 98 -15.60 -5.13 -32.77
N TYR C 99 -15.36 -4.08 -33.55
CA TYR C 99 -14.12 -3.93 -34.29
C TYR C 99 -13.20 -2.99 -33.54
N GLY C 100 -11.92 -3.34 -33.50
CA GLY C 100 -10.99 -2.53 -32.76
C GLY C 100 -10.63 -3.16 -31.42
N GLY C 101 -9.38 -2.96 -31.00
CA GLY C 101 -8.87 -3.53 -29.77
C GLY C 101 -7.89 -2.65 -29.02
N PHE C 102 -7.15 -3.26 -28.10
CA PHE C 102 -6.14 -2.59 -27.31
C PHE C 102 -4.79 -3.19 -27.65
N ALA C 103 -3.73 -2.39 -27.63
CA ALA C 103 -2.39 -2.88 -27.90
C ALA C 103 -1.44 -2.39 -26.82
N PHE C 104 -0.58 -3.28 -26.32
CA PHE C 104 0.43 -2.94 -25.32
C PHE C 104 1.79 -2.89 -25.98
N GLY C 105 2.61 -1.94 -25.57
CA GLY C 105 4.02 -2.00 -25.91
C GLY C 105 4.64 -3.27 -25.39
N GLY C 106 5.89 -3.50 -25.79
CA GLY C 106 6.59 -4.65 -25.25
C GLY C 106 7.33 -4.41 -23.96
N GLY C 107 7.18 -3.23 -23.34
CA GLY C 107 7.73 -2.99 -22.02
C GLY C 107 9.12 -2.39 -22.03
N THR C 108 9.43 -1.54 -21.04
CA THR C 108 10.76 -0.97 -20.84
C THR C 108 11.20 -1.27 -19.42
N GLU C 109 12.37 -1.85 -19.25
CA GLU C 109 12.82 -2.21 -17.92
C GLU C 109 13.75 -1.12 -17.42
N VAL C 110 13.37 -0.45 -16.34
CA VAL C 110 14.12 0.73 -15.88
C VAL C 110 14.96 0.30 -14.69
N VAL C 111 16.25 0.61 -14.76
CA VAL C 111 17.24 0.15 -13.83
C VAL C 111 17.78 1.40 -13.14
N VAL C 112 17.39 1.65 -11.91
CA VAL C 112 17.87 2.83 -11.22
C VAL C 112 19.19 2.48 -10.55
N LYS C 113 20.28 3.13 -10.98
CA LYS C 113 21.60 2.82 -10.45
C LYS C 113 21.91 3.65 -9.20
N GLY C 114 22.27 2.95 -8.13
CA GLY C 114 22.80 3.55 -6.92
C GLY C 114 24.28 3.27 -6.82
N ASP C 115 24.85 3.66 -5.69
CA ASP C 115 26.29 3.57 -5.52
C ASP C 115 26.69 2.10 -5.57
N PRO C 116 27.73 1.77 -6.33
CA PRO C 116 28.03 0.37 -6.64
C PRO C 116 28.48 -0.37 -5.40
N VAL C 117 27.80 -1.47 -5.09
CA VAL C 117 28.15 -2.30 -3.94
C VAL C 117 28.58 -3.67 -4.47
N ALA C 118 29.27 -4.39 -3.63
CA ALA C 118 29.77 -5.72 -3.95
C ALA C 118 29.07 -6.77 -3.09
N PRO C 119 28.76 -7.94 -3.66
CA PRO C 119 27.87 -8.88 -2.98
C PRO C 119 28.62 -9.62 -1.88
N THR C 120 28.01 -9.67 -0.69
CA THR C 120 28.33 -10.75 0.23
C THR C 120 27.74 -12.07 -0.30
N VAL C 121 28.52 -13.16 -0.24
CA VAL C 121 28.18 -14.40 -0.91
C VAL C 121 28.14 -15.55 0.10
N LEU C 122 27.05 -16.31 0.07
CA LEU C 122 26.79 -17.46 0.92
C LEU C 122 26.62 -18.70 0.07
N ILE C 123 27.07 -19.85 0.58
CA ILE C 123 26.99 -21.10 -0.16
C ILE C 123 26.41 -22.15 0.78
N PHE C 124 25.38 -22.85 0.33
CA PHE C 124 24.66 -23.75 1.23
C PHE C 124 24.90 -25.21 0.85
N PRO C 125 25.73 -25.94 1.58
CA PRO C 125 26.00 -27.32 1.20
C PRO C 125 24.72 -28.13 1.26
N PRO C 126 24.56 -29.10 0.35
CA PRO C 126 23.27 -29.79 0.24
C PRO C 126 22.97 -30.57 1.50
N ALA C 127 21.72 -30.48 1.95
CA ALA C 127 21.26 -31.20 3.14
C ALA C 127 21.56 -32.69 3.04
N ALA C 128 21.64 -33.38 4.17
CA ALA C 128 22.05 -34.79 4.16
C ALA C 128 21.06 -35.68 3.41
N ASP C 129 19.75 -35.36 3.44
CA ASP C 129 18.81 -36.21 2.74
C ASP C 129 18.67 -35.86 1.27
N GLN C 130 19.34 -34.79 0.80
CA GLN C 130 19.44 -34.55 -0.63
C GLN C 130 20.21 -35.67 -1.32
N VAL C 131 21.42 -35.97 -0.85
CA VAL C 131 22.30 -36.90 -1.56
C VAL C 131 21.65 -38.26 -1.71
N ALA C 132 20.73 -38.61 -0.82
CA ALA C 132 20.09 -39.92 -0.89
C ALA C 132 19.17 -40.07 -2.11
N THR C 133 18.66 -38.98 -2.68
CA THR C 133 17.74 -39.04 -3.83
C THR C 133 18.46 -39.26 -5.16
N GLY C 134 19.80 -39.21 -5.18
CA GLY C 134 20.56 -39.38 -6.38
C GLY C 134 20.91 -38.10 -7.11
N THR C 135 20.35 -36.96 -6.68
CA THR C 135 20.72 -35.66 -7.21
C THR C 135 20.87 -34.67 -6.07
N VAL C 136 21.96 -33.90 -6.08
CA VAL C 136 22.23 -32.86 -5.09
C VAL C 136 22.14 -31.49 -5.74
N THR C 137 21.70 -30.50 -4.96
CA THR C 137 21.58 -29.11 -5.43
C THR C 137 22.30 -28.21 -4.43
N ILE C 138 23.46 -27.70 -4.83
CA ILE C 138 24.19 -26.73 -4.03
C ILE C 138 23.62 -25.36 -4.36
N VAL C 139 23.31 -24.59 -3.34
CA VAL C 139 22.68 -23.30 -3.54
C VAL C 139 23.65 -22.22 -3.11
N CYS C 140 23.62 -21.11 -3.84
CA CYS C 140 24.55 -20.02 -3.63
C CYS C 140 23.75 -18.72 -3.75
N VAL C 141 24.09 -17.74 -2.91
CA VAL C 141 23.37 -16.47 -2.81
C VAL C 141 24.35 -15.29 -2.86
N ALA C 142 24.05 -14.31 -3.72
CA ALA C 142 24.72 -13.00 -3.71
C ALA C 142 23.75 -11.95 -3.19
N ASN C 143 24.15 -11.20 -2.17
CA ASN C 143 23.26 -10.24 -1.53
C ASN C 143 23.73 -8.82 -1.76
N LYS C 144 22.77 -7.91 -1.90
CA LYS C 144 23.04 -6.49 -1.73
C LYS C 144 24.18 -6.04 -2.65
N TYR C 145 24.03 -6.36 -3.93
CA TYR C 145 25.03 -6.01 -4.92
C TYR C 145 24.44 -5.08 -5.99
N PHE C 146 25.28 -4.16 -6.48
CA PHE C 146 24.99 -3.41 -7.71
C PHE C 146 26.32 -3.01 -8.33
N PRO C 147 26.50 -3.21 -9.66
CA PRO C 147 25.53 -3.67 -10.65
C PRO C 147 25.56 -5.16 -10.93
N ASP C 148 24.94 -5.58 -12.03
CA ASP C 148 24.68 -7.00 -12.27
C ASP C 148 25.94 -7.85 -12.16
N VAL C 149 25.75 -9.07 -11.68
CA VAL C 149 26.85 -10.02 -11.50
C VAL C 149 26.70 -11.15 -12.50
N THR C 150 27.77 -11.94 -12.65
CA THR C 150 27.75 -13.22 -13.36
C THR C 150 28.38 -14.28 -12.46
N VAL C 151 27.84 -15.49 -12.49
CA VAL C 151 28.15 -16.52 -11.51
C VAL C 151 28.94 -17.61 -12.19
N THR C 152 29.97 -18.08 -11.51
CA THR C 152 30.79 -19.20 -11.99
C THR C 152 30.89 -20.23 -10.89
N TRP C 153 30.75 -21.50 -11.27
CA TRP C 153 30.92 -22.62 -10.37
C TRP C 153 32.23 -23.32 -10.71
N GLU C 154 32.92 -23.80 -9.68
CA GLU C 154 34.21 -24.50 -9.85
C GLU C 154 34.19 -25.72 -8.94
N VAL C 155 34.12 -26.90 -9.55
CA VAL C 155 34.19 -28.17 -8.83
C VAL C 155 35.65 -28.58 -8.87
N ASP C 156 36.33 -28.38 -7.75
CA ASP C 156 37.77 -28.59 -7.67
C ASP C 156 38.49 -27.87 -8.81
N GLY C 157 38.18 -26.59 -8.98
CA GLY C 157 38.84 -25.75 -9.95
C GLY C 157 38.33 -25.85 -11.37
N THR C 158 37.65 -26.95 -11.74
CA THR C 158 37.00 -27.07 -13.05
C THR C 158 35.73 -26.23 -13.08
N THR C 159 35.71 -25.20 -13.93
CA THR C 159 34.53 -24.39 -14.15
C THR C 159 33.41 -25.27 -14.71
N GLN C 160 32.33 -25.45 -13.93
CA GLN C 160 31.19 -26.20 -14.44
C GLN C 160 30.62 -25.50 -15.67
N THR C 161 29.85 -26.26 -16.44
CA THR C 161 29.19 -25.73 -17.63
C THR C 161 27.70 -26.04 -17.68
N THR C 162 27.22 -27.00 -16.91
CA THR C 162 25.86 -27.47 -17.08
C THR C 162 25.25 -27.67 -15.71
N GLY C 163 23.92 -27.76 -15.70
CA GLY C 163 23.22 -27.89 -14.43
C GLY C 163 23.34 -26.65 -13.57
N ILE C 164 23.21 -25.48 -14.16
CA ILE C 164 23.32 -24.23 -13.42
C ILE C 164 22.11 -23.38 -13.77
N GLU C 165 21.44 -22.85 -12.74
CA GLU C 165 20.34 -21.91 -12.95
C GLU C 165 20.55 -20.73 -12.05
N ASN C 166 19.89 -19.62 -12.40
CA ASN C 166 20.12 -18.34 -11.75
C ASN C 166 18.80 -17.59 -11.57
N SER C 167 18.69 -16.87 -10.47
CA SER C 167 17.47 -16.13 -10.21
C SER C 167 17.84 -14.84 -9.47
N LYS C 168 17.31 -13.74 -9.95
CA LYS C 168 17.64 -12.42 -9.42
C LYS C 168 16.37 -11.82 -8.80
N THR C 169 16.49 -11.31 -7.58
CA THR C 169 15.37 -10.57 -7.01
C THR C 169 15.25 -9.21 -7.69
N PRO C 170 14.08 -8.57 -7.60
CA PRO C 170 13.98 -7.18 -8.03
C PRO C 170 14.98 -6.30 -7.29
N GLN C 171 15.33 -5.19 -7.94
CA GLN C 171 16.08 -4.14 -7.25
C GLN C 171 15.38 -3.79 -5.94
N ASN C 172 16.12 -3.73 -4.85
CA ASN C 172 15.55 -3.32 -3.58
C ASN C 172 15.00 -1.90 -3.67
N SER C 173 13.83 -1.66 -3.07
CA SER C 173 13.20 -0.35 -3.25
C SER C 173 13.86 0.75 -2.44
N ALA C 174 14.90 0.45 -1.67
CA ALA C 174 15.59 1.39 -0.79
C ALA C 174 17.01 1.69 -1.22
N ASP C 175 17.87 0.68 -1.34
CA ASP C 175 19.27 0.92 -1.74
C ASP C 175 19.56 0.51 -3.18
N CYS C 176 18.52 0.10 -3.94
CA CYS C 176 18.57 -0.24 -5.37
C CYS C 176 19.28 -1.56 -5.65
N THR C 177 19.66 -2.33 -4.63
CA THR C 177 20.56 -3.46 -4.81
C THR C 177 19.79 -4.72 -5.17
N TYR C 178 20.40 -5.53 -6.03
CA TYR C 178 19.85 -6.81 -6.44
C TYR C 178 20.15 -7.87 -5.38
N ASN C 179 19.58 -9.06 -5.57
CA ASN C 179 19.99 -10.29 -4.90
C ASN C 179 19.92 -11.41 -5.92
N LEU C 180 20.66 -12.48 -5.66
CA LEU C 180 20.78 -13.51 -6.69
C LEU C 180 20.98 -14.87 -6.04
N SER C 181 20.34 -15.87 -6.64
CA SER C 181 20.45 -17.26 -6.21
CA SER C 181 20.45 -17.25 -6.21
C SER C 181 20.93 -18.08 -7.39
N SER C 182 21.95 -18.89 -7.18
CA SER C 182 22.46 -19.73 -8.24
C SER C 182 22.57 -21.14 -7.71
N THR C 183 21.97 -22.11 -8.41
CA THR C 183 22.01 -23.51 -8.02
C THR C 183 22.86 -24.31 -9.00
N LEU C 184 23.77 -25.10 -8.47
CA LEU C 184 24.49 -26.13 -9.23
C LEU C 184 23.95 -27.49 -8.81
N THR C 185 23.47 -28.25 -9.79
CA THR C 185 22.90 -29.58 -9.61
C THR C 185 23.85 -30.62 -10.19
N LEU C 186 24.14 -31.67 -9.41
CA LEU C 186 25.03 -32.75 -9.83
C LEU C 186 24.42 -34.08 -9.42
N THR C 187 24.88 -35.16 -10.04
CA THR C 187 24.51 -36.47 -9.53
C THR C 187 25.22 -36.73 -8.21
N SER C 188 24.65 -37.63 -7.39
CA SER C 188 25.32 -38.03 -6.14
C SER C 188 26.64 -38.73 -6.41
N THR C 189 26.73 -39.48 -7.50
CA THR C 189 28.00 -40.10 -7.88
C THR C 189 29.03 -39.02 -8.19
N GLN C 190 28.61 -37.97 -8.89
CA GLN C 190 29.50 -36.85 -9.13
C GLN C 190 29.92 -36.21 -7.81
N TYR C 191 28.93 -35.79 -6.99
CA TYR C 191 29.20 -34.97 -5.80
C TYR C 191 30.13 -35.67 -4.81
N ASN C 192 29.97 -36.99 -4.61
CA ASN C 192 30.85 -37.67 -3.67
C ASN C 192 32.18 -38.04 -4.31
N SER C 193 32.36 -37.70 -5.58
CA SER C 193 33.62 -37.90 -6.30
C SER C 193 34.50 -36.65 -6.34
N HIS C 194 34.08 -35.57 -5.68
CA HIS C 194 34.89 -34.35 -5.59
C HIS C 194 34.84 -33.78 -4.19
N LYS C 195 35.82 -32.93 -3.86
CA LYS C 195 35.95 -32.39 -2.52
C LYS C 195 35.51 -30.94 -2.43
N GLU C 196 36.11 -30.01 -3.19
CA GLU C 196 35.82 -28.59 -3.02
C GLU C 196 34.75 -28.09 -3.97
N TYR C 197 33.93 -27.18 -3.46
CA TYR C 197 32.87 -26.52 -4.21
C TYR C 197 32.99 -25.02 -4.05
N THR C 198 32.87 -24.31 -5.17
CA THR C 198 33.24 -22.90 -5.25
C THR C 198 32.16 -22.13 -5.99
N CYS C 199 31.83 -20.96 -5.47
CA CYS C 199 30.83 -20.08 -6.07
C CYS C 199 31.48 -18.72 -6.33
N LYS C 200 31.68 -18.37 -7.60
CA LYS C 200 32.47 -17.20 -7.99
C LYS C 200 31.54 -16.15 -8.57
N VAL C 201 31.17 -15.18 -7.74
CA VAL C 201 30.35 -14.06 -8.17
C VAL C 201 31.28 -12.96 -8.67
N THR C 202 31.09 -12.54 -9.93
CA THR C 202 31.98 -11.59 -10.59
C THR C 202 31.24 -10.30 -10.94
N GLN C 203 31.88 -9.16 -10.73
CA GLN C 203 31.28 -7.85 -10.94
C GLN C 203 32.31 -6.99 -11.68
N GLY C 204 32.56 -7.33 -12.93
CA GLY C 204 33.58 -6.66 -13.69
C GLY C 204 34.95 -7.12 -13.26
N THR C 205 35.79 -6.19 -12.82
CA THR C 205 37.13 -6.55 -12.38
C THR C 205 37.12 -7.26 -11.02
N THR C 206 36.06 -7.08 -10.24
CA THR C 206 35.94 -7.64 -8.90
C THR C 206 35.40 -9.05 -8.94
N SER C 207 35.72 -9.82 -7.90
CA SER C 207 35.14 -11.15 -7.72
C SER C 207 35.11 -11.51 -6.24
N VAL C 208 33.94 -11.94 -5.77
CA VAL C 208 33.77 -12.47 -4.42
C VAL C 208 33.52 -13.96 -4.52
N VAL C 209 34.26 -14.75 -3.76
CA VAL C 209 34.25 -16.20 -3.90
C VAL C 209 33.90 -16.83 -2.55
N GLN C 210 32.99 -17.80 -2.57
CA GLN C 210 32.66 -18.55 -1.38
C GLN C 210 32.79 -20.03 -1.67
N SER C 211 33.32 -20.80 -0.71
CA SER C 211 33.68 -22.19 -0.96
C SER C 211 33.35 -23.05 0.24
N PHE C 212 33.33 -24.37 0.02
CA PHE C 212 33.25 -25.34 1.10
C PHE C 212 33.74 -26.70 0.60
N ASN C 213 34.42 -27.44 1.50
CA ASN C 213 34.86 -28.80 1.22
C ASN C 213 33.81 -29.79 1.73
N ARG C 214 33.43 -30.75 0.87
CA ARG C 214 32.29 -31.63 1.16
C ARG C 214 32.46 -32.37 2.50
N GLY C 215 33.67 -32.83 2.79
CA GLY C 215 33.91 -33.51 4.06
C GLY C 215 33.86 -32.63 5.28
N ASP C 216 33.82 -31.30 5.09
CA ASP C 216 33.73 -30.35 6.18
C ASP C 216 32.29 -30.10 6.65
N CYS C 217 31.28 -30.41 5.83
CA CYS C 217 29.91 -30.08 6.23
C CYS C 217 29.01 -31.31 6.32
N VAL D 2 3.06 3.32 34.96
CA VAL D 2 4.15 3.91 34.21
C VAL D 2 3.66 5.09 33.40
N VAL D 3 4.30 6.25 33.55
CA VAL D 3 3.99 7.42 32.75
C VAL D 3 5.10 7.64 31.75
N MET D 4 4.74 7.87 30.50
CA MET D 4 5.70 8.11 29.44
C MET D 4 5.70 9.59 29.11
N THR D 5 6.83 10.24 29.38
CA THR D 5 6.97 11.67 29.17
C THR D 5 7.77 11.86 27.89
N GLN D 6 7.08 12.18 26.82
CA GLN D 6 7.67 12.34 25.50
C GLN D 6 7.86 13.82 25.18
N THR D 7 9.08 14.22 24.85
CA THR D 7 9.36 15.61 24.51
C THR D 7 10.05 15.71 23.16
N PRO D 8 9.85 16.80 22.43
CA PRO D 8 8.98 17.94 22.68
C PRO D 8 7.56 17.67 22.19
N ALA D 9 6.59 18.51 22.56
CA ALA D 9 5.21 18.27 22.11
C ALA D 9 5.08 18.46 20.61
N SER D 10 6.00 19.21 20.00
CA SER D 10 5.98 19.51 18.57
C SER D 10 7.34 20.06 18.20
N VAL D 11 7.82 19.70 17.03
CA VAL D 11 9.12 20.15 16.57
C VAL D 11 8.99 20.60 15.12
N GLU D 12 9.74 21.63 14.74
CA GLU D 12 9.69 22.19 13.40
C GLU D 12 11.13 22.31 12.91
N ALA D 13 11.48 21.52 11.89
CA ALA D 13 12.81 21.50 11.31
C ALA D 13 12.74 21.59 9.79
N ALA D 14 13.86 21.98 9.18
CA ALA D 14 13.94 22.17 7.74
C ALA D 14 14.10 20.84 7.00
N VAL D 15 13.67 20.81 5.74
CA VAL D 15 13.87 19.63 4.90
C VAL D 15 15.35 19.29 4.87
N GLY D 16 15.67 18.00 5.01
CA GLY D 16 17.05 17.56 5.06
C GLY D 16 17.71 17.77 6.41
N GLY D 17 17.00 18.38 7.36
CA GLY D 17 17.53 18.56 8.68
C GLY D 17 17.20 17.38 9.55
N THR D 18 17.68 17.45 10.79
CA THR D 18 17.64 16.31 11.69
C THR D 18 17.03 16.69 13.04
N VAL D 19 16.20 15.80 13.54
CA VAL D 19 15.36 16.04 14.69
C VAL D 19 15.53 14.87 15.64
N THR D 20 15.54 15.15 16.95
CA THR D 20 15.66 14.10 17.95
C THR D 20 14.55 14.20 18.99
N ILE D 21 13.87 13.09 19.24
CA ILE D 21 12.72 13.00 20.13
C ILE D 21 13.09 12.10 21.31
N LYS D 22 12.67 12.50 22.51
CA LYS D 22 13.02 11.83 23.77
C LYS D 22 11.77 11.28 24.43
N CYS D 23 11.89 10.11 25.08
CA CYS D 23 10.90 9.66 26.05
C CYS D 23 11.61 9.38 27.37
N GLN D 24 10.91 9.61 28.46
CA GLN D 24 11.44 9.34 29.79
C GLN D 24 10.35 8.63 30.58
N ALA D 25 10.71 7.55 31.26
CA ALA D 25 9.76 6.72 31.96
C ALA D 25 9.71 7.09 33.43
N SER D 26 8.50 7.09 34.01
CA SER D 26 8.33 7.42 35.42
C SER D 26 8.88 6.33 36.33
N GLN D 27 8.80 5.06 35.90
CA GLN D 27 9.47 3.96 36.57
C GLN D 27 10.20 3.16 35.49
N SER D 28 11.08 2.26 35.90
CA SER D 28 11.96 1.59 34.94
C SER D 28 11.17 0.64 34.06
N ILE D 29 11.64 0.48 32.82
CA ILE D 29 10.96 -0.30 31.81
C ILE D 29 11.95 -1.26 31.19
N SER D 30 11.46 -2.07 30.25
CA SER D 30 12.27 -3.08 29.60
C SER D 30 13.08 -2.48 28.46
N ASN D 31 13.94 -3.31 27.87
CA ASN D 31 14.61 -2.92 26.65
C ASN D 31 13.66 -2.87 25.46
N TYR D 32 12.53 -3.56 25.55
CA TYR D 32 11.60 -3.71 24.44
C TYR D 32 10.90 -2.38 24.24
N PHE D 33 11.52 -1.53 23.43
CA PHE D 33 11.08 -0.17 23.20
C PHE D 33 10.84 0.05 21.71
N SER D 34 9.91 0.95 21.41
CA SER D 34 9.34 0.99 20.09
C SER D 34 8.81 2.39 19.80
N TRP D 35 8.84 2.74 18.52
CA TRP D 35 8.50 4.07 18.00
C TRP D 35 7.58 3.91 16.79
N TYR D 36 6.52 4.72 16.75
CA TYR D 36 5.47 4.61 15.75
C TYR D 36 5.35 5.92 15.00
N GLN D 37 4.89 5.82 13.76
CA GLN D 37 4.54 6.98 12.95
C GLN D 37 3.06 6.95 12.65
N GLN D 38 2.37 8.07 12.83
CA GLN D 38 0.96 8.14 12.47
C GLN D 38 0.70 9.37 11.62
N LYS D 39 0.14 9.15 10.49
CA LYS D 39 -0.42 10.27 9.76
C LYS D 39 -1.93 10.31 9.95
N PRO D 40 -2.52 11.51 9.98
CA PRO D 40 -3.96 11.63 10.22
C PRO D 40 -4.77 10.74 9.30
N GLY D 41 -5.87 10.20 9.81
CA GLY D 41 -6.72 9.33 9.04
C GLY D 41 -6.22 7.90 8.87
N GLN D 42 -5.06 7.56 9.39
CA GLN D 42 -4.46 6.25 9.27
C GLN D 42 -4.02 5.77 10.65
N PRO D 43 -3.85 4.46 10.82
CA PRO D 43 -3.35 3.95 12.10
C PRO D 43 -1.86 4.21 12.24
N PRO D 44 -1.29 3.94 13.42
CA PRO D 44 0.17 4.06 13.58
C PRO D 44 0.91 3.10 12.68
N LYS D 45 2.13 3.48 12.31
CA LYS D 45 3.05 2.61 11.57
C LYS D 45 4.23 2.29 12.47
N LEU D 46 4.36 1.03 12.88
CA LEU D 46 5.51 0.65 13.72
C LEU D 46 6.81 0.92 12.95
N LEU D 47 7.63 1.83 13.50
CA LEU D 47 8.92 2.19 12.93
C LEU D 47 10.07 1.39 13.52
N ILE D 48 10.20 1.37 14.84
CA ILE D 48 11.33 0.70 15.49
C ILE D 48 10.82 -0.23 16.58
N TYR D 49 11.43 -1.42 16.67
CA TYR D 49 11.21 -2.32 17.79
C TYR D 49 12.56 -2.67 18.40
N LYS D 50 12.54 -3.23 19.61
CA LYS D 50 13.77 -3.58 20.35
C LYS D 50 14.67 -2.37 20.57
N ALA D 51 14.04 -1.18 20.72
CA ALA D 51 14.73 0.08 20.98
C ALA D 51 15.42 0.68 19.75
N SER D 52 16.21 -0.14 19.04
CA SER D 52 16.98 0.36 17.90
C SER D 52 16.71 -0.35 16.58
N THR D 53 16.28 -1.61 16.60
CA THR D 53 16.06 -2.39 15.38
C THR D 53 14.96 -1.78 14.51
N LEU D 54 15.23 -1.65 13.21
CA LEU D 54 14.29 -1.08 12.27
C LEU D 54 13.23 -2.10 11.89
N ALA D 55 12.01 -1.62 11.64
CA ALA D 55 10.98 -2.46 11.04
C ALA D 55 11.19 -2.50 9.54
N SER D 56 10.80 -3.62 8.92
CA SER D 56 11.03 -3.85 7.49
C SER D 56 10.47 -2.70 6.66
N GLY D 57 11.26 -2.25 5.70
CA GLY D 57 10.82 -1.16 4.86
C GLY D 57 10.86 0.20 5.51
N VAL D 58 11.50 0.34 6.66
CA VAL D 58 11.72 1.64 7.29
C VAL D 58 13.18 2.00 7.10
N PRO D 59 13.48 3.08 6.36
CA PRO D 59 14.89 3.39 6.03
C PRO D 59 15.70 3.68 7.27
N SER D 60 17.02 3.64 7.09
CA SER D 60 17.93 3.76 8.23
C SER D 60 18.04 5.19 8.77
N ARG D 61 17.50 6.20 8.08
CA ARG D 61 17.64 7.55 8.61
C ARG D 61 16.76 7.79 9.82
N PHE D 62 15.97 6.79 10.22
CA PHE D 62 15.40 6.73 11.57
C PHE D 62 16.33 5.91 12.47
N LYS D 63 16.75 6.50 13.58
CA LYS D 63 17.69 5.85 14.49
C LYS D 63 17.08 5.82 15.88
N GLY D 64 16.87 4.62 16.43
CA GLY D 64 16.41 4.45 17.81
C GLY D 64 17.59 4.16 18.74
N SER D 65 17.53 4.72 19.93
CA SER D 65 18.63 4.50 20.87
C SER D 65 18.11 4.76 22.28
N GLY D 66 18.94 4.44 23.25
CA GLY D 66 18.57 4.60 24.64
C GLY D 66 18.63 3.29 25.40
N SER D 67 18.26 3.39 26.68
CA SER D 67 18.32 2.31 27.65
C SER D 67 17.78 2.83 28.98
N GLY D 68 17.38 1.91 29.83
CA GLY D 68 16.95 2.23 31.18
C GLY D 68 15.62 2.96 31.20
N THR D 69 15.65 4.26 31.51
CA THR D 69 14.42 5.03 31.58
C THR D 69 14.31 6.06 30.45
N GLU D 70 15.38 6.33 29.71
CA GLU D 70 15.43 7.39 28.69
C GLU D 70 15.77 6.81 27.33
N PHE D 71 14.92 7.10 26.32
CA PHE D 71 15.09 6.59 24.96
C PHE D 71 14.97 7.71 23.94
N THR D 72 15.44 7.43 22.72
CA THR D 72 15.68 8.42 21.69
C THR D 72 15.23 7.89 20.33
N LEU D 73 14.60 8.76 19.55
CA LEU D 73 14.41 8.56 18.11
C LEU D 73 15.03 9.75 17.38
N THR D 74 15.78 9.48 16.32
CA THR D 74 16.42 10.55 15.54
C THR D 74 16.08 10.35 14.06
N ILE D 75 15.57 11.39 13.41
CA ILE D 75 15.17 11.34 12.00
C ILE D 75 16.02 12.35 11.23
N SER D 76 16.91 11.86 10.38
CA SER D 76 17.83 12.73 9.66
C SER D 76 17.43 12.80 8.19
N ASP D 77 17.99 13.78 7.48
CA ASP D 77 17.65 14.02 6.09
C ASP D 77 16.14 14.00 5.89
N LEU D 78 15.49 14.88 6.67
CA LEU D 78 14.03 14.98 6.72
C LEU D 78 13.43 15.19 5.33
N GLU D 79 12.21 14.70 5.16
CA GLU D 79 11.48 14.84 3.91
C GLU D 79 10.03 15.13 4.25
N CYS D 80 9.31 15.68 3.27
CA CYS D 80 7.93 16.06 3.55
C CYS D 80 7.08 14.86 3.95
N ALA D 81 7.37 13.69 3.39
CA ALA D 81 6.60 12.51 3.75
C ALA D 81 6.79 12.14 5.21
N ASP D 82 7.83 12.65 5.86
CA ASP D 82 8.05 12.34 7.27
C ASP D 82 7.16 13.13 8.22
N ALA D 83 6.58 14.24 7.77
CA ALA D 83 5.63 14.96 8.58
C ALA D 83 4.53 14.02 9.08
N ALA D 84 4.43 13.91 10.39
CA ALA D 84 3.53 12.97 11.04
C ALA D 84 3.63 13.21 12.54
N THR D 85 2.78 12.50 13.27
CA THR D 85 2.88 12.47 14.71
C THR D 85 3.55 11.16 15.12
N TYR D 86 4.49 11.26 16.06
CA TYR D 86 5.31 10.11 16.46
C TYR D 86 5.06 9.80 17.93
N TYR D 87 4.87 8.51 18.25
CA TYR D 87 4.61 8.03 19.61
C TYR D 87 5.67 7.01 19.99
N CYS D 88 6.14 7.07 21.22
CA CYS D 88 6.93 5.98 21.79
C CYS D 88 6.04 5.07 22.62
N GLN D 89 6.61 3.94 23.02
CA GLN D 89 5.85 2.94 23.77
C GLN D 89 6.83 2.09 24.57
N SER D 90 6.41 1.66 25.76
CA SER D 90 7.23 0.84 26.64
C SER D 90 6.40 -0.29 27.20
N PHE D 91 7.08 -1.37 27.58
CA PHE D 91 6.46 -2.47 28.28
C PHE D 91 6.97 -2.51 29.72
N TYR D 92 6.09 -2.83 30.66
CA TYR D 92 6.44 -2.85 32.08
C TYR D 92 5.74 -3.99 32.81
N GLY D 93 6.42 -4.56 33.80
CA GLY D 93 5.81 -5.58 34.65
C GLY D 93 5.70 -6.93 33.97
N SER D 94 4.73 -7.72 34.41
CA SER D 94 4.46 -9.00 33.77
C SER D 94 2.96 -9.29 33.87
N VAL D 95 2.56 -10.40 33.23
CA VAL D 95 1.16 -10.81 33.28
C VAL D 95 0.77 -11.16 34.71
N THR D 96 1.69 -11.76 35.44
CA THR D 96 1.47 -12.16 36.83
C THR D 96 1.75 -11.00 37.78
N SER D 97 1.14 -9.85 37.47
CA SER D 97 1.35 -8.62 38.24
C SER D 97 0.12 -7.73 38.06
N ASP D 98 -0.41 -7.22 39.18
CA ASP D 98 -1.47 -6.21 39.11
C ASP D 98 -1.04 -5.01 38.26
N TYR D 99 0.19 -4.53 38.46
CA TYR D 99 0.75 -3.48 37.63
C TYR D 99 1.63 -4.14 36.57
N GLY D 100 1.29 -3.91 35.32
CA GLY D 100 1.98 -4.49 34.19
C GLY D 100 1.16 -4.23 32.94
N GLY D 101 1.82 -3.79 31.87
CA GLY D 101 1.13 -3.52 30.63
C GLY D 101 1.96 -2.70 29.65
N PHE D 102 1.29 -1.76 28.98
CA PHE D 102 1.96 -0.91 28.02
C PHE D 102 1.63 0.55 28.31
N ALA D 103 2.44 1.43 27.76
CA ALA D 103 2.19 2.84 27.91
C ALA D 103 2.69 3.56 26.67
N PHE D 104 1.89 4.49 26.15
CA PHE D 104 2.25 5.31 25.00
C PHE D 104 2.62 6.70 25.46
N GLY D 105 3.67 7.27 24.87
CA GLY D 105 3.99 8.68 25.10
C GLY D 105 2.99 9.61 24.43
N GLY D 106 2.93 10.84 24.93
CA GLY D 106 1.94 11.81 24.48
C GLY D 106 1.98 12.15 22.99
N GLY D 107 3.02 11.74 22.26
CA GLY D 107 3.14 12.06 20.85
C GLY D 107 3.92 13.32 20.55
N THR D 108 4.64 13.35 19.43
CA THR D 108 5.36 14.52 18.94
C THR D 108 4.93 14.80 17.51
N GLU D 109 4.33 15.96 17.30
CA GLU D 109 3.97 16.36 15.94
C GLU D 109 5.21 16.91 15.27
N VAL D 110 5.61 16.33 14.15
CA VAL D 110 6.78 16.83 13.45
C VAL D 110 6.29 17.61 12.26
N VAL D 111 6.80 18.83 12.11
CA VAL D 111 6.44 19.71 11.02
C VAL D 111 7.70 20.01 10.22
N VAL D 112 7.64 19.78 8.91
CA VAL D 112 8.80 19.93 8.03
C VAL D 112 8.67 21.23 7.25
N LYS D 113 9.69 22.06 7.30
CA LYS D 113 9.66 23.37 6.68
C LYS D 113 10.10 23.24 5.22
N GLY D 114 9.18 23.49 4.30
CA GLY D 114 9.52 23.77 2.93
C GLY D 114 9.61 25.27 2.69
N ASP D 115 9.75 25.63 1.42
CA ASP D 115 9.84 27.04 1.06
C ASP D 115 8.59 27.76 1.56
N PRO D 116 8.75 28.89 2.27
CA PRO D 116 7.59 29.70 2.64
C PRO D 116 6.80 30.06 1.38
N VAL D 117 5.54 29.61 1.35
CA VAL D 117 4.62 29.92 0.26
C VAL D 117 3.37 30.54 0.86
N ALA D 118 2.83 31.57 0.18
CA ALA D 118 1.62 32.31 0.49
C ALA D 118 0.42 31.71 -0.24
N PRO D 119 -0.75 31.69 0.41
CA PRO D 119 -1.86 30.89 -0.11
C PRO D 119 -2.62 31.55 -1.25
N THR D 120 -3.12 30.68 -2.14
CA THR D 120 -4.26 31.01 -2.98
C THR D 120 -5.54 30.75 -2.18
N VAL D 121 -6.46 31.70 -2.23
CA VAL D 121 -7.65 31.68 -1.41
C VAL D 121 -8.89 31.67 -2.31
N LEU D 122 -9.79 30.72 -2.05
CA LEU D 122 -11.08 30.60 -2.71
C LEU D 122 -12.20 30.88 -1.72
N ILE D 123 -13.24 31.55 -2.20
CA ILE D 123 -14.43 31.82 -1.43
C ILE D 123 -15.62 31.24 -2.18
N PHE D 124 -16.58 30.68 -1.44
CA PHE D 124 -17.75 30.01 -2.00
C PHE D 124 -19.04 30.60 -1.46
N PRO D 125 -19.71 31.48 -2.20
CA PRO D 125 -21.00 31.99 -1.76
C PRO D 125 -21.97 30.87 -1.50
N PRO D 126 -22.79 30.99 -0.45
CA PRO D 126 -23.65 29.86 -0.07
C PRO D 126 -24.59 29.51 -1.21
N ALA D 127 -24.84 28.22 -1.37
CA ALA D 127 -25.75 27.77 -2.41
C ALA D 127 -27.14 28.33 -2.17
N ALA D 128 -27.94 28.35 -3.25
CA ALA D 128 -29.28 28.92 -3.17
C ALA D 128 -30.15 28.19 -2.15
N ASP D 129 -30.00 26.86 -2.02
CA ASP D 129 -30.82 26.11 -1.07
C ASP D 129 -30.36 26.28 0.37
N GLN D 130 -29.21 26.91 0.62
CA GLN D 130 -28.80 27.16 1.99
C GLN D 130 -29.69 28.20 2.66
N VAL D 131 -29.88 29.36 2.00
CA VAL D 131 -30.66 30.44 2.60
C VAL D 131 -32.09 29.99 2.88
N ALA D 132 -32.59 29.01 2.12
CA ALA D 132 -33.94 28.52 2.37
C ALA D 132 -34.05 27.65 3.63
N THR D 133 -32.96 27.46 4.38
CA THR D 133 -32.94 26.60 5.55
C THR D 133 -32.89 27.36 6.88
N GLY D 134 -32.54 28.65 6.87
CA GLY D 134 -32.45 29.45 8.08
C GLY D 134 -31.04 29.79 8.51
N THR D 135 -30.05 29.04 8.01
CA THR D 135 -28.63 29.30 8.26
C THR D 135 -27.86 29.14 6.96
N VAL D 136 -26.79 29.93 6.83
CA VAL D 136 -25.92 29.86 5.66
C VAL D 136 -24.50 29.60 6.11
N THR D 137 -23.78 28.79 5.35
CA THR D 137 -22.36 28.55 5.55
C THR D 137 -21.64 29.10 4.32
N ILE D 138 -20.87 30.17 4.53
CA ILE D 138 -19.92 30.64 3.54
C ILE D 138 -18.62 29.90 3.78
N VAL D 139 -18.03 29.34 2.74
CA VAL D 139 -16.80 28.60 2.92
C VAL D 139 -15.67 29.37 2.25
N CYS D 140 -14.49 29.26 2.86
CA CYS D 140 -13.28 29.91 2.37
C CYS D 140 -12.15 28.91 2.48
N VAL D 141 -11.32 28.80 1.43
CA VAL D 141 -10.27 27.78 1.34
C VAL D 141 -8.91 28.42 1.06
N ALA D 142 -7.92 28.10 1.89
CA ALA D 142 -6.55 28.53 1.66
C ALA D 142 -5.72 27.35 1.20
N ASN D 143 -5.17 27.45 0.00
CA ASN D 143 -4.50 26.36 -0.70
C ASN D 143 -2.99 26.56 -0.72
N LYS D 144 -2.26 25.46 -0.48
CA LYS D 144 -0.85 25.35 -0.84
C LYS D 144 0.01 26.39 -0.10
N TYR D 145 -0.13 26.43 1.22
CA TYR D 145 0.57 27.46 1.98
C TYR D 145 1.49 26.87 3.03
N PHE D 146 2.45 27.70 3.45
CA PHE D 146 3.33 27.44 4.58
C PHE D 146 4.17 28.68 4.85
N PRO D 147 4.23 29.14 6.09
CA PRO D 147 3.72 28.49 7.31
C PRO D 147 2.26 28.78 7.65
N ASP D 148 1.82 28.27 8.81
CA ASP D 148 0.44 28.32 9.25
C ASP D 148 -0.14 29.72 9.13
N VAL D 149 -1.41 29.79 8.72
CA VAL D 149 -2.11 31.06 8.57
C VAL D 149 -3.11 31.25 9.71
N THR D 150 -3.74 32.44 9.73
CA THR D 150 -4.85 32.73 10.62
C THR D 150 -5.91 33.51 9.86
N VAL D 151 -7.15 33.05 9.96
CA VAL D 151 -8.26 33.53 9.12
C VAL D 151 -9.03 34.60 9.87
N THR D 152 -9.30 35.71 9.20
CA THR D 152 -10.26 36.69 9.68
C THR D 152 -11.46 36.68 8.76
N TRP D 153 -12.63 36.97 9.31
CA TRP D 153 -13.85 37.12 8.53
C TRP D 153 -14.42 38.51 8.78
N GLU D 154 -14.58 39.28 7.71
CA GLU D 154 -15.15 40.61 7.80
C GLU D 154 -16.46 40.60 7.02
N VAL D 155 -17.55 40.73 7.75
CA VAL D 155 -18.83 41.05 7.14
C VAL D 155 -18.94 42.56 7.14
N ASP D 156 -19.01 43.13 5.94
CA ASP D 156 -19.08 44.58 5.78
C ASP D 156 -18.04 45.27 6.67
N GLY D 157 -16.77 44.97 6.42
CA GLY D 157 -15.67 45.55 7.17
C GLY D 157 -15.54 45.12 8.62
N THR D 158 -16.63 44.70 9.26
CA THR D 158 -16.60 44.35 10.68
C THR D 158 -16.04 42.95 10.85
N THR D 159 -14.94 42.84 11.58
CA THR D 159 -14.36 41.54 11.88
C THR D 159 -15.39 40.68 12.63
N GLN D 160 -15.79 39.56 12.03
CA GLN D 160 -16.62 38.61 12.76
C GLN D 160 -15.88 38.10 13.98
N THR D 161 -16.64 37.62 14.95
CA THR D 161 -16.09 37.03 16.16
C THR D 161 -16.61 35.62 16.44
N THR D 162 -17.91 35.39 16.29
CA THR D 162 -18.49 34.07 16.47
C THR D 162 -18.95 33.52 15.12
N GLY D 163 -19.21 32.22 15.10
CA GLY D 163 -19.69 31.58 13.90
C GLY D 163 -18.64 31.00 12.99
N ILE D 164 -17.39 30.90 13.44
CA ILE D 164 -16.31 30.45 12.56
C ILE D 164 -15.65 29.22 13.15
N GLU D 165 -15.39 28.22 12.30
CA GLU D 165 -14.51 27.10 12.64
C GLU D 165 -13.49 26.92 11.51
N ASN D 166 -12.35 26.33 11.86
CA ASN D 166 -11.30 26.08 10.90
C ASN D 166 -10.97 24.60 10.85
N SER D 167 -10.63 24.12 9.68
CA SER D 167 -10.12 22.78 9.51
C SER D 167 -8.93 22.86 8.57
N LYS D 168 -7.86 22.14 8.92
CA LYS D 168 -6.60 22.10 8.19
C LYS D 168 -6.25 20.68 7.76
N THR D 169 -5.59 20.54 6.54
CA THR D 169 -5.17 19.23 6.06
C THR D 169 -3.79 18.87 6.61
N PRO D 170 -3.42 17.59 6.62
CA PRO D 170 -2.03 17.24 6.93
C PRO D 170 -1.10 17.95 5.96
N GLN D 171 0.15 18.17 6.39
CA GLN D 171 1.15 18.71 5.49
C GLN D 171 1.25 17.85 4.23
N ASN D 172 1.54 18.49 3.11
CA ASN D 172 1.63 17.76 1.87
C ASN D 172 2.90 16.91 1.83
N SER D 173 2.81 15.71 1.23
CA SER D 173 3.97 14.83 1.21
C SER D 173 4.96 15.15 0.07
N ALA D 174 4.68 16.16 -0.75
CA ALA D 174 5.57 16.58 -1.82
C ALA D 174 6.14 17.98 -1.61
N ASP D 175 5.28 18.99 -1.41
CA ASP D 175 5.77 20.36 -1.23
C ASP D 175 5.53 20.91 0.17
N CYS D 176 5.12 20.04 1.12
CA CYS D 176 5.14 20.32 2.56
C CYS D 176 4.07 21.31 3.00
N THR D 177 3.15 21.66 2.13
CA THR D 177 2.20 22.75 2.35
C THR D 177 0.90 22.25 2.95
N TYR D 178 0.32 23.07 3.81
CA TYR D 178 -1.00 22.86 4.37
C TYR D 178 -2.08 23.31 3.37
N ASN D 179 -3.33 22.99 3.72
CA ASN D 179 -4.54 23.47 3.06
C ASN D 179 -5.57 23.70 4.13
N LEU D 180 -6.31 24.79 4.04
CA LEU D 180 -7.17 25.20 5.14
C LEU D 180 -8.55 25.52 4.60
N SER D 181 -9.56 25.20 5.41
CA SER D 181 -10.95 25.50 5.08
CA SER D 181 -10.95 25.51 5.09
C SER D 181 -11.55 26.25 6.26
N SER D 182 -11.99 27.48 6.02
CA SER D 182 -12.68 28.24 7.04
C SER D 182 -14.12 28.42 6.63
N THR D 183 -15.01 28.44 7.63
CA THR D 183 -16.44 28.55 7.40
C THR D 183 -17.03 29.56 8.38
N LEU D 184 -17.59 30.64 7.86
CA LEU D 184 -18.44 31.52 8.64
C LEU D 184 -19.86 31.03 8.52
N THR D 185 -20.61 31.05 9.62
CA THR D 185 -21.96 30.50 9.69
C THR D 185 -22.88 31.55 10.28
N LEU D 186 -23.92 31.95 9.52
CA LEU D 186 -24.81 33.05 9.90
C LEU D 186 -26.26 32.67 9.65
N THR D 187 -27.17 33.15 10.50
CA THR D 187 -28.57 33.01 10.17
C THR D 187 -28.85 33.69 8.83
N SER D 188 -29.74 33.08 8.03
CA SER D 188 -30.10 33.67 6.75
C SER D 188 -30.62 35.09 6.91
N THR D 189 -31.28 35.38 8.04
CA THR D 189 -31.64 36.75 8.36
C THR D 189 -30.40 37.63 8.38
N GLN D 190 -29.33 37.19 9.05
CA GLN D 190 -28.10 37.98 9.08
C GLN D 190 -27.52 38.10 7.68
N TYR D 191 -27.67 37.06 6.86
CA TYR D 191 -27.03 37.04 5.55
C TYR D 191 -27.69 38.03 4.59
N ASN D 192 -29.02 38.04 4.52
CA ASN D 192 -29.71 38.95 3.61
C ASN D 192 -29.65 40.40 4.08
N SER D 193 -28.92 40.65 5.16
CA SER D 193 -28.79 41.98 5.76
C SER D 193 -27.44 42.62 5.49
N HIS D 194 -26.62 42.02 4.63
CA HIS D 194 -25.27 42.51 4.39
C HIS D 194 -24.87 42.28 2.94
N LYS D 195 -23.89 43.07 2.48
CA LYS D 195 -23.51 43.10 1.07
C LYS D 195 -22.19 42.38 0.81
N GLU D 196 -21.11 42.78 1.49
CA GLU D 196 -19.82 42.17 1.26
C GLU D 196 -19.48 41.15 2.34
N TYR D 197 -18.86 40.05 1.91
CA TYR D 197 -18.32 39.04 2.80
C TYR D 197 -16.88 38.77 2.39
N THR D 198 -15.98 38.88 3.36
CA THR D 198 -14.56 38.91 3.11
C THR D 198 -13.91 37.78 3.90
N CYS D 199 -12.75 37.34 3.43
CA CYS D 199 -12.04 36.24 4.08
C CYS D 199 -10.56 36.57 4.01
N LYS D 200 -9.94 36.82 5.15
CA LYS D 200 -8.59 37.40 5.18
C LYS D 200 -7.64 36.40 5.81
N VAL D 201 -6.83 35.77 4.97
CA VAL D 201 -5.86 34.78 5.41
C VAL D 201 -4.53 35.49 5.59
N THR D 202 -4.02 35.51 6.82
CA THR D 202 -2.81 36.27 7.17
C THR D 202 -1.65 35.33 7.51
N GLN D 203 -0.47 35.59 6.93
CA GLN D 203 0.79 34.89 7.24
C GLN D 203 1.82 35.94 7.67
N GLY D 204 2.09 36.01 8.97
CA GLY D 204 2.89 37.08 9.53
C GLY D 204 2.41 38.46 9.10
N THR D 205 3.22 39.14 8.26
CA THR D 205 2.85 40.45 7.77
C THR D 205 2.16 40.38 6.43
N THR D 206 2.30 39.27 5.71
CA THR D 206 1.56 39.06 4.47
C THR D 206 0.12 38.61 4.74
N SER D 207 -0.81 39.06 3.90
CA SER D 207 -2.19 38.60 3.97
C SER D 207 -2.76 38.44 2.57
N VAL D 208 -3.60 37.42 2.38
CA VAL D 208 -4.33 37.24 1.13
C VAL D 208 -5.82 37.25 1.42
N VAL D 209 -6.56 38.08 0.69
CA VAL D 209 -7.95 38.35 0.93
C VAL D 209 -8.76 37.88 -0.27
N GLN D 210 -9.86 37.19 -0.01
CA GLN D 210 -10.82 36.88 -1.07
C GLN D 210 -12.17 37.46 -0.72
N SER D 211 -12.96 37.82 -1.73
CA SER D 211 -14.22 38.51 -1.42
C SER D 211 -15.27 38.28 -2.49
N PHE D 212 -16.52 38.49 -2.10
CA PHE D 212 -17.64 38.51 -3.03
C PHE D 212 -18.75 39.36 -2.41
N ASN D 213 -19.58 39.95 -3.25
CA ASN D 213 -20.76 40.68 -2.80
C ASN D 213 -22.02 39.88 -3.13
N ARG D 214 -22.93 39.80 -2.14
CA ARG D 214 -24.03 38.84 -2.19
C ARG D 214 -24.83 38.96 -3.49
N GLY D 215 -25.00 40.18 -4.00
CA GLY D 215 -25.80 40.37 -5.21
C GLY D 215 -25.10 39.92 -6.48
N ASP D 216 -23.76 39.91 -6.47
CA ASP D 216 -23.00 39.48 -7.63
C ASP D 216 -23.30 38.04 -7.99
N CYS D 217 -23.58 37.20 -7.00
CA CYS D 217 -23.74 35.76 -7.22
C CYS D 217 -25.16 35.29 -6.91
#